data_6VPN
#
_entry.id   6VPN
#
_entity_poly.entity_id   1
_entity_poly.type   'polypeptide(L)'
_entity_poly.pdbx_seq_one_letter_code
;KTCENLADTYKGPCFTTGSCDDHCKNKEHLRSGRCRDDFRCWCTKNC
;
_entity_poly.pdbx_strand_id   A
#
# COMPACT_ATOMS: atom_id res chain seq x y z
N LYS A 1 -13.94 4.14 8.20
CA LYS A 1 -14.43 2.74 8.16
C LYS A 1 -13.62 1.88 7.18
N THR A 2 -12.41 2.27 6.91
CA THR A 2 -11.56 1.51 6.03
C THR A 2 -10.47 0.84 6.85
N CYS A 3 -9.92 -0.22 6.34
CA CYS A 3 -8.88 -0.91 7.05
C CYS A 3 -7.60 -0.63 6.31
N GLU A 4 -6.48 -0.81 6.94
CA GLU A 4 -5.24 -0.54 6.29
C GLU A 4 -4.17 -1.51 6.78
N ASN A 5 -3.62 -2.28 5.88
CA ASN A 5 -2.65 -3.32 6.23
C ASN A 5 -1.41 -3.20 5.37
N LEU A 6 -0.34 -3.85 5.78
CA LEU A 6 0.92 -3.81 5.04
C LEU A 6 0.86 -4.54 3.73
N ALA A 7 1.45 -3.93 2.73
CA ALA A 7 1.61 -4.55 1.44
C ALA A 7 2.63 -5.65 1.60
N ASP A 8 2.21 -6.88 1.42
CA ASP A 8 3.07 -7.99 1.75
C ASP A 8 4.11 -8.25 0.69
N THR A 9 3.73 -8.13 -0.55
CA THR A 9 4.65 -8.40 -1.62
C THR A 9 5.47 -7.14 -1.97
N TYR A 10 5.40 -6.13 -1.11
CA TYR A 10 6.17 -4.93 -1.29
C TYR A 10 7.38 -4.96 -0.39
N LYS A 11 8.51 -5.34 -0.93
CA LYS A 11 9.72 -5.31 -0.15
C LYS A 11 10.56 -4.16 -0.60
N GLY A 12 10.82 -3.26 0.30
CA GLY A 12 11.61 -2.12 -0.02
C GLY A 12 10.96 -0.86 0.46
N PRO A 13 11.62 0.28 0.35
CA PRO A 13 11.06 1.55 0.74
C PRO A 13 10.20 2.18 -0.37
N CYS A 14 9.32 3.05 0.03
CA CYS A 14 8.49 3.80 -0.87
C CYS A 14 9.22 5.05 -1.33
N PHE A 15 9.61 5.08 -2.58
CA PHE A 15 10.25 6.24 -3.14
C PHE A 15 9.26 7.08 -3.89
N THR A 16 8.20 6.46 -4.33
CA THR A 16 7.13 7.15 -4.98
C THR A 16 5.81 6.54 -4.55
N THR A 17 4.94 7.38 -3.98
CA THR A 17 3.65 6.94 -3.50
C THR A 17 2.82 6.35 -4.63
N GLY A 18 2.96 6.90 -5.84
CA GLY A 18 2.27 6.39 -7.01
C GLY A 18 2.56 4.93 -7.26
N SER A 19 3.82 4.54 -7.11
CA SER A 19 4.24 3.17 -7.29
C SER A 19 3.62 2.29 -6.19
N CYS A 20 3.68 2.77 -4.97
CA CYS A 20 3.11 2.08 -3.81
C CYS A 20 1.59 1.92 -3.97
N ASP A 21 0.96 2.98 -4.42
CA ASP A 21 -0.47 3.07 -4.67
C ASP A 21 -0.87 2.04 -5.69
N ASP A 22 -0.10 1.99 -6.76
CA ASP A 22 -0.28 1.05 -7.86
C ASP A 22 -0.15 -0.38 -7.37
N HIS A 23 0.82 -0.58 -6.50
CA HIS A 23 1.14 -1.88 -5.96
C HIS A 23 0.00 -2.43 -5.11
N CYS A 24 -0.53 -1.61 -4.22
CA CYS A 24 -1.63 -2.02 -3.37
C CYS A 24 -2.88 -2.34 -4.18
N LYS A 25 -3.08 -1.64 -5.28
CA LYS A 25 -4.23 -1.86 -6.13
C LYS A 25 -4.07 -3.12 -6.98
N ASN A 26 -2.91 -3.29 -7.58
CA ASN A 26 -2.69 -4.42 -8.47
C ASN A 26 -2.27 -5.68 -7.74
N LYS A 27 -1.25 -5.59 -6.93
CA LYS A 27 -0.67 -6.76 -6.28
C LYS A 27 -1.47 -7.20 -5.07
N GLU A 28 -1.76 -6.26 -4.18
CA GLU A 28 -2.51 -6.58 -2.97
C GLU A 28 -4.01 -6.65 -3.25
N HIS A 29 -4.42 -6.09 -4.40
CA HIS A 29 -5.82 -6.11 -4.88
C HIS A 29 -6.73 -5.28 -3.93
N LEU A 30 -6.15 -4.25 -3.36
CA LEU A 30 -6.85 -3.41 -2.41
C LEU A 30 -7.25 -2.06 -3.00
N ARG A 31 -7.73 -1.16 -2.16
CA ARG A 31 -8.23 0.13 -2.57
C ARG A 31 -7.12 1.09 -3.00
N SER A 32 -6.17 1.34 -2.13
CA SER A 32 -5.08 2.29 -2.42
C SER A 32 -3.88 1.97 -1.53
N GLY A 33 -2.81 2.72 -1.68
CA GLY A 33 -1.63 2.49 -0.88
C GLY A 33 -1.03 3.79 -0.43
N ARG A 34 -0.65 3.87 0.82
CA ARG A 34 -0.05 5.06 1.36
C ARG A 34 1.27 4.69 2.02
N CYS A 35 2.25 5.52 1.83
CA CYS A 35 3.57 5.25 2.35
C CYS A 35 3.74 5.90 3.71
N ARG A 36 4.33 5.17 4.62
CA ARG A 36 4.61 5.67 5.95
C ARG A 36 5.96 6.37 6.01
N ASP A 37 6.25 7.01 7.14
CA ASP A 37 7.54 7.72 7.39
C ASP A 37 8.67 6.72 7.44
N ASP A 38 8.31 5.51 7.83
CA ASP A 38 9.21 4.36 7.89
C ASP A 38 9.36 3.71 6.51
N PHE A 39 8.80 4.38 5.51
CA PHE A 39 8.90 4.05 4.08
C PHE A 39 8.13 2.80 3.68
N ARG A 40 7.44 2.18 4.60
CA ARG A 40 6.73 0.97 4.28
C ARG A 40 5.32 1.32 3.79
N CYS A 41 4.77 0.47 2.95
CA CYS A 41 3.47 0.67 2.37
C CYS A 41 2.34 0.05 3.15
N TRP A 42 1.42 0.89 3.53
CA TRP A 42 0.21 0.48 4.15
C TRP A 42 -0.90 0.69 3.16
N CYS A 43 -1.54 -0.36 2.81
CA CYS A 43 -2.55 -0.34 1.82
C CYS A 43 -3.91 -0.15 2.45
N THR A 44 -4.57 0.88 2.03
CA THR A 44 -5.88 1.20 2.50
C THR A 44 -6.86 0.30 1.74
N LYS A 45 -7.73 -0.35 2.45
CA LYS A 45 -8.68 -1.24 1.84
C LYS A 45 -10.07 -0.94 2.35
N ASN A 46 -11.06 -1.33 1.62
CA ASN A 46 -12.41 -1.16 2.04
C ASN A 46 -12.79 -2.38 2.85
N CYS A 47 -13.69 -2.21 3.76
CA CYS A 47 -14.15 -3.29 4.59
C CYS A 47 -15.63 -3.13 4.82
N LYS A 1 -16.09 -1.03 5.15
CA LYS A 1 -15.24 -0.16 5.95
C LYS A 1 -13.87 -0.16 5.33
N THR A 2 -13.09 0.83 5.60
CA THR A 2 -11.76 0.87 5.14
C THR A 2 -10.79 0.76 6.29
N CYS A 3 -10.00 -0.22 6.21
CA CYS A 3 -9.02 -0.53 7.20
C CYS A 3 -7.66 -0.49 6.54
N GLU A 4 -6.60 -0.45 7.29
CA GLU A 4 -5.31 -0.31 6.68
C GLU A 4 -4.35 -1.32 7.23
N ASN A 5 -3.62 -1.94 6.34
CA ASN A 5 -2.71 -3.02 6.70
C ASN A 5 -1.47 -2.89 5.87
N LEU A 6 -0.39 -3.51 6.29
CA LEU A 6 0.82 -3.55 5.52
C LEU A 6 0.62 -4.31 4.22
N ALA A 7 1.27 -3.85 3.20
CA ALA A 7 1.25 -4.51 1.93
C ALA A 7 2.11 -5.75 2.02
N ASP A 8 1.47 -6.89 1.92
CA ASP A 8 2.15 -8.16 2.08
C ASP A 8 2.89 -8.55 0.80
N THR A 9 2.24 -8.34 -0.32
CA THR A 9 2.83 -8.64 -1.60
C THR A 9 3.97 -7.64 -1.92
N TYR A 10 3.82 -6.41 -1.48
CA TYR A 10 4.84 -5.41 -1.71
C TYR A 10 5.93 -5.60 -0.65
N LYS A 11 6.91 -6.35 -1.01
CA LYS A 11 8.01 -6.66 -0.14
C LYS A 11 9.16 -5.67 -0.32
N GLY A 12 9.06 -4.56 0.35
CA GLY A 12 10.09 -3.58 0.29
C GLY A 12 9.61 -2.23 0.74
N PRO A 13 10.46 -1.22 0.73
CA PRO A 13 10.10 0.14 1.08
C PRO A 13 9.50 0.90 -0.11
N CYS A 14 8.77 1.93 0.19
CA CYS A 14 8.18 2.76 -0.81
C CYS A 14 9.17 3.80 -1.27
N PHE A 15 9.80 3.55 -2.38
CA PHE A 15 10.73 4.50 -2.95
C PHE A 15 9.96 5.56 -3.72
N THR A 16 8.90 5.13 -4.34
CA THR A 16 8.04 6.00 -5.08
C THR A 16 6.60 5.70 -4.67
N THR A 17 5.89 6.72 -4.21
CA THR A 17 4.55 6.58 -3.69
C THR A 17 3.59 6.03 -4.75
N GLY A 18 3.79 6.48 -5.98
CA GLY A 18 2.97 6.03 -7.09
C GLY A 18 3.05 4.54 -7.28
N SER A 19 4.26 4.01 -7.18
CA SER A 19 4.54 2.60 -7.34
C SER A 19 3.84 1.77 -6.25
N CYS A 20 3.93 2.22 -5.01
CA CYS A 20 3.32 1.54 -3.88
C CYS A 20 1.81 1.58 -4.00
N ASP A 21 1.31 2.78 -4.27
CA ASP A 21 -0.11 3.05 -4.42
C ASP A 21 -0.71 2.21 -5.51
N ASP A 22 -0.02 2.16 -6.64
CA ASP A 22 -0.44 1.43 -7.83
C ASP A 22 -0.55 -0.06 -7.52
N HIS A 23 0.45 -0.58 -6.85
CA HIS A 23 0.53 -1.99 -6.51
C HIS A 23 -0.67 -2.43 -5.67
N CYS A 24 -0.96 -1.69 -4.63
CA CYS A 24 -2.03 -2.07 -3.75
C CYS A 24 -3.40 -1.91 -4.38
N LYS A 25 -3.57 -0.92 -5.23
CA LYS A 25 -4.88 -0.73 -5.86
C LYS A 25 -5.13 -1.67 -7.02
N ASN A 26 -4.09 -2.00 -7.75
CA ASN A 26 -4.26 -2.92 -8.88
C ASN A 26 -4.08 -4.37 -8.50
N LYS A 27 -2.90 -4.71 -8.00
CA LYS A 27 -2.57 -6.09 -7.66
C LYS A 27 -3.40 -6.58 -6.49
N GLU A 28 -3.45 -5.81 -5.45
CA GLU A 28 -4.18 -6.22 -4.26
C GLU A 28 -5.63 -5.82 -4.33
N HIS A 29 -5.96 -4.99 -5.32
CA HIS A 29 -7.34 -4.49 -5.58
C HIS A 29 -7.87 -3.69 -4.36
N LEU A 30 -6.96 -3.07 -3.65
CA LEU A 30 -7.31 -2.31 -2.48
C LEU A 30 -7.66 -0.89 -2.90
N ARG A 31 -8.01 -0.06 -1.95
CA ARG A 31 -8.38 1.30 -2.22
C ARG A 31 -7.17 2.06 -2.74
N SER A 32 -6.12 2.09 -1.96
CA SER A 32 -4.92 2.81 -2.30
C SER A 32 -3.76 2.28 -1.49
N GLY A 33 -2.56 2.67 -1.85
CA GLY A 33 -1.39 2.27 -1.12
C GLY A 33 -0.70 3.49 -0.62
N ARG A 34 -0.44 3.56 0.64
CA ARG A 34 0.14 4.75 1.22
C ARG A 34 1.52 4.47 1.75
N CYS A 35 2.38 5.40 1.55
CA CYS A 35 3.73 5.27 1.98
C CYS A 35 3.90 6.04 3.25
N ARG A 36 4.21 5.32 4.30
CA ARG A 36 4.42 5.91 5.59
C ARG A 36 5.76 6.63 5.66
N ASP A 37 5.95 7.37 6.74
CA ASP A 37 7.24 8.02 7.04
C ASP A 37 8.23 6.99 7.51
N ASP A 38 7.70 5.82 7.75
CA ASP A 38 8.47 4.63 8.10
C ASP A 38 9.00 4.01 6.81
N PHE A 39 8.51 4.56 5.69
CA PHE A 39 8.84 4.17 4.32
C PHE A 39 8.31 2.80 3.94
N ARG A 40 7.57 2.18 4.82
CA ARG A 40 6.96 0.91 4.54
C ARG A 40 5.54 1.19 4.00
N CYS A 41 5.00 0.26 3.25
CA CYS A 41 3.70 0.46 2.63
C CYS A 41 2.54 -0.03 3.47
N TRP A 42 1.69 0.90 3.80
CA TRP A 42 0.45 0.65 4.48
C TRP A 42 -0.64 0.94 3.50
N CYS A 43 -1.33 -0.05 3.11
CA CYS A 43 -2.32 0.09 2.09
C CYS A 43 -3.71 -0.01 2.68
N THR A 44 -4.54 0.90 2.28
CA THR A 44 -5.88 0.97 2.76
C THR A 44 -6.73 -0.06 2.01
N LYS A 45 -7.26 -1.00 2.75
CA LYS A 45 -7.99 -2.11 2.21
C LYS A 45 -9.48 -1.98 2.54
N ASN A 46 -10.29 -2.69 1.81
CA ASN A 46 -11.73 -2.64 1.98
C ASN A 46 -12.18 -3.83 2.80
N CYS A 47 -12.81 -3.56 3.88
CA CYS A 47 -13.30 -4.58 4.74
C CYS A 47 -14.78 -4.35 5.03
N LYS A 1 -15.95 -0.54 6.46
CA LYS A 1 -15.06 0.58 6.75
C LYS A 1 -13.82 0.42 5.90
N THR A 2 -12.89 1.30 6.07
CA THR A 2 -11.65 1.18 5.41
C THR A 2 -10.54 1.09 6.41
N CYS A 3 -9.80 0.07 6.30
CA CYS A 3 -8.72 -0.18 7.20
C CYS A 3 -7.42 -0.14 6.44
N GLU A 4 -6.31 -0.19 7.12
CA GLU A 4 -5.07 -0.08 6.44
C GLU A 4 -4.06 -1.00 7.05
N ASN A 5 -3.48 -1.82 6.23
CA ASN A 5 -2.52 -2.82 6.65
C ASN A 5 -1.35 -2.78 5.72
N LEU A 6 -0.26 -3.38 6.12
CA LEU A 6 0.91 -3.49 5.30
C LEU A 6 0.67 -4.25 4.03
N ALA A 7 1.23 -3.75 2.96
CA ALA A 7 1.19 -4.41 1.68
C ALA A 7 1.91 -5.74 1.83
N ASP A 8 1.31 -6.80 1.34
CA ASP A 8 1.83 -8.12 1.57
C ASP A 8 2.85 -8.50 0.54
N THR A 9 2.53 -8.34 -0.71
CA THR A 9 3.46 -8.78 -1.72
C THR A 9 4.41 -7.68 -2.18
N TYR A 10 4.08 -6.44 -1.85
CA TYR A 10 4.97 -5.33 -2.16
C TYR A 10 5.99 -5.24 -1.04
N LYS A 11 7.08 -5.89 -1.27
CA LYS A 11 8.10 -6.02 -0.28
C LYS A 11 9.20 -5.03 -0.55
N GLY A 12 9.37 -4.12 0.35
CA GLY A 12 10.41 -3.16 0.25
C GLY A 12 9.91 -1.80 0.64
N PRO A 13 10.78 -0.80 0.67
CA PRO A 13 10.40 0.55 0.99
C PRO A 13 9.71 1.25 -0.17
N CYS A 14 9.01 2.28 0.15
CA CYS A 14 8.32 3.08 -0.79
C CYS A 14 9.17 4.27 -1.15
N PHE A 15 9.58 4.31 -2.38
CA PHE A 15 10.38 5.39 -2.90
C PHE A 15 9.49 6.34 -3.69
N THR A 16 8.49 5.77 -4.29
CA THR A 16 7.51 6.51 -5.03
C THR A 16 6.14 5.98 -4.61
N THR A 17 5.36 6.81 -3.98
CA THR A 17 4.09 6.40 -3.43
C THR A 17 3.11 5.98 -4.54
N GLY A 18 3.27 6.56 -5.74
CA GLY A 18 2.44 6.20 -6.87
C GLY A 18 2.65 4.73 -7.29
N SER A 19 3.86 4.25 -7.11
CA SER A 19 4.20 2.88 -7.43
C SER A 19 3.57 1.95 -6.40
N CYS A 20 3.66 2.36 -5.15
CA CYS A 20 3.11 1.62 -4.03
C CYS A 20 1.59 1.53 -4.18
N ASP A 21 0.98 2.68 -4.44
CA ASP A 21 -0.44 2.83 -4.61
C ASP A 21 -0.94 1.97 -5.76
N ASP A 22 -0.22 2.02 -6.87
CA ASP A 22 -0.55 1.23 -8.05
C ASP A 22 -0.54 -0.25 -7.75
N HIS A 23 0.55 -0.71 -7.12
CA HIS A 23 0.70 -2.11 -6.78
C HIS A 23 -0.41 -2.55 -5.80
N CYS A 24 -0.67 -1.74 -4.81
CA CYS A 24 -1.71 -2.09 -3.85
C CYS A 24 -3.11 -2.12 -4.46
N LYS A 25 -3.33 -1.35 -5.49
CA LYS A 25 -4.60 -1.38 -6.20
C LYS A 25 -4.66 -2.55 -7.17
N ASN A 26 -3.63 -2.69 -7.96
CA ASN A 26 -3.57 -3.69 -9.04
C ASN A 26 -3.27 -5.10 -8.57
N LYS A 27 -2.26 -5.25 -7.76
CA LYS A 27 -1.86 -6.58 -7.31
C LYS A 27 -2.57 -6.95 -6.02
N GLU A 28 -2.54 -6.06 -5.07
CA GLU A 28 -3.12 -6.35 -3.77
C GLU A 28 -4.62 -6.19 -3.77
N HIS A 29 -5.15 -5.52 -4.80
CA HIS A 29 -6.60 -5.27 -4.94
C HIS A 29 -7.19 -4.56 -3.74
N LEU A 30 -6.44 -3.62 -3.25
CA LEU A 30 -6.86 -2.81 -2.16
C LEU A 30 -7.28 -1.46 -2.72
N ARG A 31 -7.67 -0.56 -1.87
CA ARG A 31 -8.19 0.73 -2.30
C ARG A 31 -7.09 1.69 -2.74
N SER A 32 -6.03 1.74 -1.98
CA SER A 32 -4.96 2.68 -2.24
C SER A 32 -3.72 2.24 -1.48
N GLY A 33 -2.58 2.78 -1.82
CA GLY A 33 -1.37 2.48 -1.10
C GLY A 33 -0.73 3.74 -0.59
N ARG A 34 -0.52 3.82 0.70
CA ARG A 34 0.07 5.00 1.29
C ARG A 34 1.40 4.64 1.94
N CYS A 35 2.31 5.53 1.89
CA CYS A 35 3.63 5.28 2.42
C CYS A 35 3.83 6.09 3.67
N ARG A 36 4.10 5.42 4.77
CA ARG A 36 4.28 6.08 6.04
C ARG A 36 5.71 6.56 6.21
N ASP A 37 6.00 7.18 7.35
CA ASP A 37 7.35 7.70 7.67
C ASP A 37 8.29 6.55 8.04
N ASP A 38 7.73 5.36 8.07
CA ASP A 38 8.48 4.12 8.27
C ASP A 38 9.02 3.66 6.90
N PHE A 39 8.53 4.34 5.86
CA PHE A 39 8.87 4.10 4.44
C PHE A 39 8.26 2.84 3.88
N ARG A 40 7.55 2.10 4.68
CA ARG A 40 6.91 0.90 4.23
C ARG A 40 5.47 1.22 3.81
N CYS A 41 4.96 0.42 2.90
CA CYS A 41 3.63 0.59 2.36
C CYS A 41 2.53 0.09 3.26
N TRP A 42 1.69 0.99 3.66
CA TRP A 42 0.48 0.71 4.37
C TRP A 42 -0.64 1.01 3.42
N CYS A 43 -1.29 0.01 2.98
CA CYS A 43 -2.26 0.16 1.97
C CYS A 43 -3.66 0.02 2.52
N THR A 44 -4.52 0.90 2.06
CA THR A 44 -5.86 1.02 2.52
C THR A 44 -6.70 -0.08 1.88
N LYS A 45 -7.38 -0.83 2.68
CA LYS A 45 -8.16 -1.94 2.22
C LYS A 45 -9.59 -1.81 2.69
N ASN A 46 -10.50 -2.31 1.89
CA ASN A 46 -11.91 -2.22 2.22
C ASN A 46 -12.30 -3.37 3.10
N CYS A 47 -12.85 -3.06 4.22
CA CYS A 47 -13.26 -4.06 5.16
C CYS A 47 -14.62 -3.68 5.72
N LYS A 1 -15.20 -2.81 7.61
CA LYS A 1 -14.52 -1.56 7.88
C LYS A 1 -13.47 -1.35 6.81
N THR A 2 -13.09 -0.14 6.54
CA THR A 2 -11.99 0.13 5.70
C THR A 2 -10.84 0.57 6.56
N CYS A 3 -9.70 0.02 6.35
CA CYS A 3 -8.58 0.29 7.19
C CYS A 3 -7.31 0.30 6.38
N GLU A 4 -6.41 1.16 6.75
CA GLU A 4 -5.16 1.22 6.09
C GLU A 4 -4.23 0.26 6.80
N ASN A 5 -3.90 -0.79 6.14
CA ASN A 5 -3.15 -1.87 6.72
C ASN A 5 -2.04 -2.29 5.80
N LEU A 6 -0.96 -2.78 6.37
CA LEU A 6 0.25 -3.19 5.64
C LEU A 6 0.01 -4.04 4.41
N ALA A 7 0.73 -3.69 3.37
CA ALA A 7 0.69 -4.38 2.11
C ALA A 7 1.22 -5.80 2.29
N ASP A 8 0.46 -6.76 1.84
CA ASP A 8 0.77 -8.15 2.07
C ASP A 8 1.72 -8.69 1.02
N THR A 9 1.39 -8.46 -0.25
CA THR A 9 2.19 -8.96 -1.32
C THR A 9 3.41 -8.06 -1.59
N TYR A 10 3.26 -6.78 -1.35
CA TYR A 10 4.36 -5.84 -1.52
C TYR A 10 5.22 -5.94 -0.27
N LYS A 11 6.25 -6.75 -0.33
CA LYS A 11 7.08 -7.04 0.83
C LYS A 11 8.33 -6.17 0.88
N GLY A 12 8.31 -5.13 0.13
CA GLY A 12 9.44 -4.27 0.09
C GLY A 12 9.13 -2.88 0.59
N PRO A 13 10.14 -2.02 0.71
CA PRO A 13 9.94 -0.62 1.03
C PRO A 13 9.42 0.14 -0.18
N CYS A 14 8.81 1.23 0.08
CA CYS A 14 8.27 2.09 -0.93
C CYS A 14 9.20 3.26 -1.16
N PHE A 15 9.50 3.55 -2.39
CA PHE A 15 10.31 4.70 -2.72
C PHE A 15 9.37 5.81 -3.18
N THR A 16 8.67 5.56 -4.25
CA THR A 16 7.70 6.49 -4.77
C THR A 16 6.31 6.04 -4.30
N THR A 17 5.58 6.92 -3.62
CA THR A 17 4.25 6.59 -3.08
C THR A 17 3.32 6.04 -4.16
N GLY A 18 3.35 6.67 -5.33
CA GLY A 18 2.51 6.27 -6.44
C GLY A 18 2.83 4.88 -6.93
N SER A 19 4.03 4.41 -6.67
CA SER A 19 4.48 3.11 -7.12
C SER A 19 3.88 2.02 -6.24
N CYS A 20 3.84 2.26 -4.94
CA CYS A 20 3.27 1.30 -4.03
C CYS A 20 1.76 1.35 -4.13
N ASP A 21 1.24 2.57 -4.34
CA ASP A 21 -0.19 2.76 -4.55
C ASP A 21 -0.62 1.96 -5.75
N ASP A 22 0.17 2.06 -6.82
CA ASP A 22 -0.08 1.34 -8.08
C ASP A 22 -0.11 -0.16 -7.83
N HIS A 23 0.81 -0.65 -7.00
CA HIS A 23 0.85 -2.06 -6.67
C HIS A 23 -0.39 -2.46 -5.85
N CYS A 24 -0.72 -1.68 -4.84
CA CYS A 24 -1.89 -1.97 -4.03
C CYS A 24 -3.21 -1.80 -4.81
N LYS A 25 -3.21 -0.94 -5.81
CA LYS A 25 -4.35 -0.78 -6.71
C LYS A 25 -4.47 -1.99 -7.63
N ASN A 26 -3.38 -2.30 -8.31
CA ASN A 26 -3.38 -3.31 -9.36
C ASN A 26 -3.26 -4.73 -8.86
N LYS A 27 -2.28 -5.00 -8.03
CA LYS A 27 -2.05 -6.35 -7.57
C LYS A 27 -2.90 -6.68 -6.37
N GLU A 28 -2.92 -5.81 -5.41
CA GLU A 28 -3.68 -6.06 -4.18
C GLU A 28 -5.16 -5.78 -4.37
N HIS A 29 -5.48 -4.98 -5.39
CA HIS A 29 -6.87 -4.60 -5.74
C HIS A 29 -7.54 -3.86 -4.57
N LEU A 30 -6.74 -3.13 -3.84
CA LEU A 30 -7.20 -2.39 -2.69
C LEU A 30 -7.61 -1.00 -3.11
N ARG A 31 -8.11 -0.22 -2.16
CA ARG A 31 -8.58 1.13 -2.44
C ARG A 31 -7.43 2.03 -2.88
N SER A 32 -6.30 1.91 -2.20
CA SER A 32 -5.11 2.71 -2.48
C SER A 32 -3.93 2.22 -1.65
N GLY A 33 -2.77 2.79 -1.86
CA GLY A 33 -1.60 2.40 -1.09
C GLY A 33 -0.83 3.61 -0.63
N ARG A 34 -0.50 3.67 0.64
CA ARG A 34 0.21 4.80 1.15
C ARG A 34 1.54 4.42 1.75
N CYS A 35 2.52 5.20 1.46
CA CYS A 35 3.85 4.98 1.93
C CYS A 35 4.11 5.88 3.11
N ARG A 36 4.10 5.30 4.28
CA ARG A 36 4.30 6.02 5.51
C ARG A 36 5.77 6.44 5.65
N ASP A 37 6.07 7.19 6.70
CA ASP A 37 7.45 7.68 7.00
C ASP A 37 8.37 6.50 7.26
N ASP A 38 7.76 5.40 7.66
CA ASP A 38 8.41 4.13 7.94
C ASP A 38 8.99 3.51 6.68
N PHE A 39 8.56 4.04 5.52
CA PHE A 39 8.91 3.55 4.15
C PHE A 39 8.20 2.26 3.83
N ARG A 40 7.43 1.80 4.77
CA ARG A 40 6.69 0.60 4.64
C ARG A 40 5.28 0.95 4.15
N CYS A 41 4.67 0.09 3.39
CA CYS A 41 3.40 0.37 2.77
C CYS A 41 2.21 -0.03 3.60
N TRP A 42 1.42 0.95 3.90
CA TRP A 42 0.16 0.79 4.54
C TRP A 42 -0.90 1.07 3.48
N CYS A 43 -1.57 0.05 3.04
CA CYS A 43 -2.50 0.21 1.97
C CYS A 43 -3.93 0.15 2.48
N THR A 44 -4.77 0.90 1.83
CA THR A 44 -6.14 1.05 2.21
C THR A 44 -6.93 -0.17 1.74
N LYS A 45 -7.33 -0.99 2.67
CA LYS A 45 -8.01 -2.22 2.33
C LYS A 45 -9.31 -2.34 3.10
N ASN A 46 -10.05 -3.36 2.78
CA ASN A 46 -11.28 -3.65 3.45
C ASN A 46 -11.02 -4.68 4.52
N CYS A 47 -11.60 -4.46 5.64
CA CYS A 47 -11.51 -5.34 6.75
C CYS A 47 -12.88 -5.44 7.40
N LYS A 1 -15.03 -0.87 7.67
CA LYS A 1 -14.56 0.40 7.12
C LYS A 1 -13.25 0.14 6.44
N THR A 2 -12.47 1.14 6.28
CA THR A 2 -11.20 0.96 5.71
C THR A 2 -10.14 0.73 6.74
N CYS A 3 -9.43 -0.32 6.55
CA CYS A 3 -8.35 -0.69 7.39
C CYS A 3 -7.08 -0.50 6.61
N GLU A 4 -6.26 0.40 7.03
CA GLU A 4 -5.04 0.63 6.33
C GLU A 4 -3.99 -0.29 6.93
N ASN A 5 -3.61 -1.27 6.16
CA ASN A 5 -2.81 -2.40 6.61
C ASN A 5 -1.59 -2.60 5.72
N LEU A 6 -0.51 -3.09 6.30
CA LEU A 6 0.74 -3.36 5.58
C LEU A 6 0.55 -4.28 4.41
N ALA A 7 1.25 -3.97 3.37
CA ALA A 7 1.30 -4.78 2.20
C ALA A 7 2.50 -5.70 2.31
N ASP A 8 2.27 -6.97 2.60
CA ASP A 8 3.37 -7.94 2.67
C ASP A 8 3.73 -8.39 1.28
N THR A 9 2.77 -8.33 0.41
CA THR A 9 2.92 -8.69 -0.96
C THR A 9 3.80 -7.68 -1.68
N TYR A 10 3.66 -6.42 -1.34
CA TYR A 10 4.55 -5.43 -1.84
C TYR A 10 5.74 -5.36 -0.90
N LYS A 11 6.63 -6.30 -1.08
CA LYS A 11 7.76 -6.43 -0.25
C LYS A 11 8.86 -5.52 -0.74
N GLY A 12 9.10 -4.49 0.01
CA GLY A 12 10.10 -3.55 -0.32
C GLY A 12 9.72 -2.20 0.24
N PRO A 13 10.69 -1.30 0.42
CA PRO A 13 10.41 0.03 0.91
C PRO A 13 9.77 0.89 -0.17
N CYS A 14 9.10 1.91 0.25
CA CYS A 14 8.49 2.82 -0.66
C CYS A 14 9.49 3.84 -1.15
N PHE A 15 10.03 3.59 -2.32
CA PHE A 15 10.93 4.53 -2.96
C PHE A 15 10.10 5.48 -3.78
N THR A 16 9.02 4.96 -4.31
CA THR A 16 8.09 5.73 -5.06
C THR A 16 6.68 5.43 -4.54
N THR A 17 5.98 6.45 -4.09
CA THR A 17 4.65 6.30 -3.56
C THR A 17 3.70 5.84 -4.67
N GLY A 18 3.95 6.35 -5.88
CA GLY A 18 3.17 5.99 -7.04
C GLY A 18 3.12 4.50 -7.28
N SER A 19 4.27 3.83 -7.24
CA SER A 19 4.34 2.40 -7.48
C SER A 19 3.72 1.61 -6.32
N CYS A 20 3.89 2.11 -5.12
CA CYS A 20 3.28 1.50 -3.94
C CYS A 20 1.75 1.53 -4.06
N ASP A 21 1.23 2.71 -4.35
CA ASP A 21 -0.20 2.93 -4.54
C ASP A 21 -0.72 2.11 -5.71
N ASP A 22 0.02 2.15 -6.79
CA ASP A 22 -0.31 1.45 -8.03
C ASP A 22 -0.39 -0.06 -7.82
N HIS A 23 0.57 -0.62 -7.09
CA HIS A 23 0.62 -2.04 -6.81
C HIS A 23 -0.60 -2.45 -6.00
N CYS A 24 -0.86 -1.75 -4.92
CA CYS A 24 -1.98 -2.08 -4.07
C CYS A 24 -3.33 -1.90 -4.78
N LYS A 25 -3.41 -1.00 -5.72
CA LYS A 25 -4.65 -0.79 -6.47
C LYS A 25 -4.85 -1.82 -7.61
N ASN A 26 -3.81 -2.10 -8.36
CA ASN A 26 -3.94 -2.98 -9.53
C ASN A 26 -3.73 -4.44 -9.22
N LYS A 27 -2.75 -4.74 -8.39
CA LYS A 27 -2.44 -6.11 -8.07
C LYS A 27 -3.21 -6.58 -6.86
N GLU A 28 -3.18 -5.81 -5.80
CA GLU A 28 -3.87 -6.18 -4.58
C GLU A 28 -5.37 -5.89 -4.70
N HIS A 29 -5.71 -4.99 -5.64
CA HIS A 29 -7.09 -4.56 -5.93
C HIS A 29 -7.70 -3.85 -4.73
N LEU A 30 -6.84 -3.20 -3.97
CA LEU A 30 -7.24 -2.47 -2.79
C LEU A 30 -7.60 -1.04 -3.16
N ARG A 31 -7.99 -0.27 -2.18
CA ARG A 31 -8.43 1.10 -2.39
C ARG A 31 -7.26 2.03 -2.74
N SER A 32 -6.16 1.92 -2.02
CA SER A 32 -5.00 2.78 -2.27
C SER A 32 -3.80 2.17 -1.57
N GLY A 33 -2.61 2.63 -1.92
CA GLY A 33 -1.40 2.21 -1.26
C GLY A 33 -0.67 3.41 -0.75
N ARG A 34 -0.41 3.47 0.54
CA ARG A 34 0.14 4.66 1.11
C ARG A 34 1.45 4.41 1.84
N CYS A 35 2.37 5.30 1.61
CA CYS A 35 3.67 5.19 2.19
C CYS A 35 3.70 6.01 3.45
N ARG A 36 3.84 5.33 4.54
CA ARG A 36 3.86 5.97 5.83
C ARG A 36 5.26 6.42 6.20
N ASP A 37 5.38 7.08 7.34
CA ASP A 37 6.63 7.66 7.89
C ASP A 37 7.81 6.70 7.85
N ASP A 38 7.56 5.44 8.10
CA ASP A 38 8.61 4.43 8.13
C ASP A 38 8.94 3.88 6.77
N PHE A 39 8.38 4.49 5.72
CA PHE A 39 8.61 4.09 4.33
C PHE A 39 8.01 2.74 4.02
N ARG A 40 7.10 2.31 4.86
CA ARG A 40 6.38 1.09 4.63
C ARG A 40 5.09 1.38 3.92
N CYS A 41 4.64 0.42 3.20
CA CYS A 41 3.41 0.54 2.49
C CYS A 41 2.25 0.02 3.30
N TRP A 42 1.49 0.95 3.79
CA TRP A 42 0.27 0.68 4.46
C TRP A 42 -0.82 0.97 3.47
N CYS A 43 -1.37 -0.05 2.92
CA CYS A 43 -2.35 0.09 1.90
C CYS A 43 -3.75 0.05 2.46
N THR A 44 -4.58 0.88 1.92
CA THR A 44 -5.92 1.05 2.37
C THR A 44 -6.77 -0.08 1.84
N LYS A 45 -7.19 -0.97 2.71
CA LYS A 45 -8.00 -2.08 2.33
C LYS A 45 -9.35 -2.01 3.03
N ASN A 46 -10.24 -2.87 2.64
CA ASN A 46 -11.59 -2.88 3.18
C ASN A 46 -11.76 -3.94 4.22
N CYS A 47 -12.20 -3.54 5.37
CA CYS A 47 -12.52 -4.46 6.42
C CYS A 47 -13.96 -4.22 6.84
N LYS A 1 -15.90 0.49 6.16
CA LYS A 1 -14.80 1.39 6.48
C LYS A 1 -13.56 0.96 5.77
N THR A 2 -12.48 1.60 6.07
CA THR A 2 -11.21 1.30 5.47
C THR A 2 -10.19 0.93 6.53
N CYS A 3 -9.29 0.05 6.18
CA CYS A 3 -8.26 -0.41 7.06
C CYS A 3 -6.91 -0.22 6.41
N GLU A 4 -6.04 0.47 7.08
CA GLU A 4 -4.70 0.70 6.59
C GLU A 4 -3.81 -0.44 7.09
N ASN A 5 -3.40 -1.30 6.18
CA ASN A 5 -2.65 -2.50 6.53
C ASN A 5 -1.46 -2.68 5.58
N LEU A 6 -0.39 -3.27 6.06
CA LEU A 6 0.81 -3.46 5.26
C LEU A 6 0.59 -4.30 4.02
N ALA A 7 1.20 -3.85 2.94
CA ALA A 7 1.16 -4.54 1.68
C ALA A 7 2.00 -5.80 1.79
N ASP A 8 1.54 -6.87 1.22
CA ASP A 8 2.20 -8.15 1.37
C ASP A 8 3.04 -8.49 0.17
N THR A 9 2.47 -8.35 -1.01
CA THR A 9 3.18 -8.69 -2.21
C THR A 9 4.22 -7.63 -2.56
N TYR A 10 4.04 -6.43 -2.03
CA TYR A 10 4.98 -5.36 -2.26
C TYR A 10 6.24 -5.61 -1.45
N LYS A 11 7.37 -5.57 -2.11
CA LYS A 11 8.63 -5.84 -1.47
C LYS A 11 9.50 -4.61 -1.48
N GLY A 12 10.18 -4.39 -0.39
CA GLY A 12 11.06 -3.27 -0.29
C GLY A 12 10.40 -2.08 0.35
N PRO A 13 11.10 -0.95 0.45
CA PRO A 13 10.54 0.27 0.98
C PRO A 13 9.77 1.03 -0.09
N CYS A 14 9.02 2.00 0.33
CA CYS A 14 8.28 2.82 -0.58
C CYS A 14 9.13 3.97 -1.04
N PHE A 15 9.57 3.89 -2.27
CA PHE A 15 10.35 4.97 -2.85
C PHE A 15 9.39 5.92 -3.54
N THR A 16 8.60 5.36 -4.43
CA THR A 16 7.62 6.10 -5.14
C THR A 16 6.24 5.70 -4.63
N THR A 17 5.58 6.61 -3.95
CA THR A 17 4.30 6.32 -3.33
C THR A 17 3.26 5.95 -4.38
N GLY A 18 3.38 6.54 -5.57
CA GLY A 18 2.48 6.26 -6.64
C GLY A 18 2.56 4.82 -7.10
N SER A 19 3.78 4.30 -7.15
CA SER A 19 4.00 2.93 -7.56
C SER A 19 3.48 1.97 -6.50
N CYS A 20 3.67 2.34 -5.24
CA CYS A 20 3.15 1.57 -4.10
C CYS A 20 1.62 1.52 -4.17
N ASP A 21 1.04 2.69 -4.40
CA ASP A 21 -0.40 2.86 -4.53
C ASP A 21 -0.93 2.02 -5.68
N ASP A 22 -0.23 2.09 -6.81
CA ASP A 22 -0.58 1.34 -8.00
C ASP A 22 -0.49 -0.16 -7.76
N HIS A 23 0.55 -0.59 -7.06
CA HIS A 23 0.75 -2.01 -6.76
C HIS A 23 -0.39 -2.51 -5.88
N CYS A 24 -0.73 -1.75 -4.88
CA CYS A 24 -1.80 -2.13 -3.99
C CYS A 24 -3.16 -2.13 -4.66
N LYS A 25 -3.37 -1.26 -5.63
CA LYS A 25 -4.61 -1.25 -6.38
C LYS A 25 -4.69 -2.42 -7.35
N ASN A 26 -3.58 -2.72 -8.00
CA ASN A 26 -3.55 -3.76 -9.03
C ASN A 26 -3.30 -5.14 -8.47
N LYS A 27 -2.18 -5.33 -7.81
CA LYS A 27 -1.80 -6.65 -7.34
C LYS A 27 -2.50 -6.99 -6.04
N GLU A 28 -2.52 -6.06 -5.13
CA GLU A 28 -3.14 -6.32 -3.84
C GLU A 28 -4.65 -6.24 -3.93
N HIS A 29 -5.15 -5.63 -5.02
CA HIS A 29 -6.59 -5.44 -5.27
C HIS A 29 -7.25 -4.64 -4.15
N LEU A 30 -6.48 -3.78 -3.55
CA LEU A 30 -6.94 -2.97 -2.46
C LEU A 30 -7.42 -1.62 -2.98
N ARG A 31 -7.73 -0.72 -2.10
CA ARG A 31 -8.31 0.55 -2.47
C ARG A 31 -7.21 1.54 -2.86
N SER A 32 -6.16 1.59 -2.09
CA SER A 32 -5.06 2.51 -2.33
C SER A 32 -3.84 2.06 -1.58
N GLY A 33 -2.73 2.74 -1.80
CA GLY A 33 -1.51 2.43 -1.12
C GLY A 33 -0.85 3.70 -0.68
N ARG A 34 -0.50 3.77 0.57
CA ARG A 34 0.10 4.97 1.09
C ARG A 34 1.33 4.63 1.90
N CYS A 35 2.26 5.52 1.90
CA CYS A 35 3.52 5.25 2.53
C CYS A 35 3.68 6.10 3.76
N ARG A 36 3.86 5.45 4.88
CA ARG A 36 4.05 6.13 6.14
C ARG A 36 5.52 6.49 6.32
N ASP A 37 5.83 7.22 7.39
CA ASP A 37 7.21 7.72 7.68
C ASP A 37 8.18 6.55 7.92
N ASP A 38 7.59 5.41 8.14
CA ASP A 38 8.30 4.14 8.30
C ASP A 38 8.92 3.70 6.98
N PHE A 39 8.45 4.32 5.87
CA PHE A 39 8.85 4.02 4.49
C PHE A 39 8.33 2.66 4.05
N ARG A 40 7.39 2.14 4.79
CA ARG A 40 6.82 0.86 4.53
C ARG A 40 5.42 1.11 3.95
N CYS A 41 4.98 0.25 3.06
CA CYS A 41 3.69 0.44 2.40
C CYS A 41 2.50 -0.04 3.20
N TRP A 42 1.68 0.91 3.57
CA TRP A 42 0.43 0.65 4.23
C TRP A 42 -0.67 0.88 3.22
N CYS A 43 -1.34 -0.13 2.86
CA CYS A 43 -2.33 -0.02 1.86
C CYS A 43 -3.72 -0.16 2.42
N THR A 44 -4.59 0.65 1.91
CA THR A 44 -5.93 0.75 2.38
C THR A 44 -6.78 -0.39 1.82
N LYS A 45 -7.28 -1.22 2.69
CA LYS A 45 -8.16 -2.29 2.28
C LYS A 45 -9.55 -1.97 2.77
N ASN A 46 -10.54 -2.39 2.05
CA ASN A 46 -11.92 -2.11 2.40
C ASN A 46 -12.43 -3.09 3.42
N CYS A 47 -12.96 -2.58 4.49
CA CYS A 47 -13.51 -3.36 5.54
C CYS A 47 -14.94 -2.90 5.77
N LYS A 1 -16.12 -1.67 5.75
CA LYS A 1 -15.56 -0.35 5.52
C LYS A 1 -14.09 -0.52 5.18
N THR A 2 -13.30 0.51 5.31
CA THR A 2 -11.90 0.37 5.02
C THR A 2 -11.04 0.30 6.27
N CYS A 3 -9.94 -0.37 6.15
CA CYS A 3 -8.93 -0.46 7.16
C CYS A 3 -7.60 -0.39 6.48
N GLU A 4 -6.60 0.14 7.12
CA GLU A 4 -5.33 0.29 6.49
C GLU A 4 -4.32 -0.62 7.16
N ASN A 5 -3.66 -1.41 6.37
CA ASN A 5 -2.72 -2.39 6.88
C ASN A 5 -1.54 -2.46 5.93
N LEU A 6 -0.43 -2.98 6.40
CA LEU A 6 0.76 -3.15 5.60
C LEU A 6 0.52 -3.97 4.36
N ALA A 7 1.09 -3.52 3.27
CA ALA A 7 1.02 -4.21 2.02
C ALA A 7 1.81 -5.51 2.16
N ASP A 8 1.22 -6.59 1.74
CA ASP A 8 1.83 -7.89 1.90
C ASP A 8 2.80 -8.22 0.80
N THR A 9 2.39 -8.07 -0.43
CA THR A 9 3.24 -8.38 -1.54
C THR A 9 4.31 -7.29 -1.73
N TYR A 10 4.00 -6.09 -1.28
CA TYR A 10 4.94 -5.01 -1.41
C TYR A 10 5.94 -5.08 -0.27
N LYS A 11 6.90 -5.95 -0.42
CA LYS A 11 7.99 -6.02 0.48
C LYS A 11 9.08 -5.12 -0.02
N GLY A 12 9.27 -4.04 0.66
CA GLY A 12 10.30 -3.14 0.30
C GLY A 12 9.98 -1.75 0.76
N PRO A 13 10.91 -0.82 0.63
CA PRO A 13 10.67 0.56 0.95
C PRO A 13 10.02 1.28 -0.22
N CYS A 14 9.30 2.29 0.08
CA CYS A 14 8.66 3.09 -0.91
C CYS A 14 9.57 4.21 -1.36
N PHE A 15 9.96 4.16 -2.60
CA PHE A 15 10.75 5.19 -3.21
C PHE A 15 9.85 6.07 -4.03
N THR A 16 8.91 5.45 -4.69
CA THR A 16 7.96 6.14 -5.50
C THR A 16 6.56 5.81 -4.96
N THR A 17 5.91 6.79 -4.39
CA THR A 17 4.60 6.61 -3.77
C THR A 17 3.55 6.10 -4.79
N GLY A 18 3.68 6.53 -6.05
CA GLY A 18 2.79 6.07 -7.09
C GLY A 18 2.92 4.59 -7.34
N SER A 19 4.13 4.06 -7.21
CA SER A 19 4.41 2.65 -7.39
C SER A 19 3.71 1.85 -6.29
N CYS A 20 3.80 2.38 -5.08
CA CYS A 20 3.19 1.79 -3.90
C CYS A 20 1.67 1.77 -4.05
N ASP A 21 1.12 2.91 -4.43
CA ASP A 21 -0.32 3.05 -4.63
C ASP A 21 -0.80 2.14 -5.75
N ASP A 22 0.02 2.02 -6.78
CA ASP A 22 -0.29 1.18 -7.93
C ASP A 22 -0.36 -0.26 -7.52
N HIS A 23 0.69 -0.72 -6.85
CA HIS A 23 0.81 -2.09 -6.42
C HIS A 23 -0.34 -2.49 -5.50
N CYS A 24 -0.58 -1.68 -4.48
CA CYS A 24 -1.63 -1.98 -3.55
C CYS A 24 -3.01 -1.95 -4.17
N LYS A 25 -3.31 -0.97 -4.98
CA LYS A 25 -4.62 -0.88 -5.54
C LYS A 25 -4.85 -1.82 -6.73
N ASN A 26 -3.82 -2.04 -7.54
CA ASN A 26 -3.98 -2.89 -8.73
C ASN A 26 -3.67 -4.35 -8.46
N LYS A 27 -2.46 -4.63 -8.05
CA LYS A 27 -2.02 -6.02 -7.88
C LYS A 27 -2.59 -6.63 -6.62
N GLU A 28 -2.55 -5.88 -5.54
CA GLU A 28 -3.08 -6.35 -4.26
C GLU A 28 -4.59 -6.22 -4.22
N HIS A 29 -5.13 -5.47 -5.20
CA HIS A 29 -6.56 -5.19 -5.32
C HIS A 29 -7.13 -4.54 -4.09
N LEU A 30 -6.41 -3.58 -3.57
CA LEU A 30 -6.85 -2.82 -2.44
C LEU A 30 -7.39 -1.47 -2.94
N ARG A 31 -7.80 -0.63 -2.04
CA ARG A 31 -8.37 0.66 -2.39
C ARG A 31 -7.29 1.70 -2.73
N SER A 32 -6.31 1.84 -1.88
CA SER A 32 -5.27 2.82 -2.07
C SER A 32 -4.00 2.37 -1.37
N GLY A 33 -2.87 2.94 -1.72
CA GLY A 33 -1.63 2.57 -1.09
C GLY A 33 -0.76 3.77 -0.85
N ARG A 34 -0.26 3.91 0.34
CA ARG A 34 0.54 5.06 0.65
C ARG A 34 1.75 4.67 1.47
N CYS A 35 2.75 5.46 1.34
CA CYS A 35 4.00 5.22 1.99
C CYS A 35 4.02 6.01 3.28
N ARG A 36 4.37 5.34 4.34
CA ARG A 36 4.41 5.96 5.62
C ARG A 36 5.83 6.27 6.08
N ASP A 37 5.94 6.81 7.29
CA ASP A 37 7.21 7.27 7.92
C ASP A 37 8.36 6.28 7.76
N ASP A 38 8.06 5.01 8.01
CA ASP A 38 9.07 3.92 7.94
C ASP A 38 9.37 3.50 6.52
N PHE A 39 8.80 4.23 5.56
CA PHE A 39 8.95 3.97 4.13
C PHE A 39 8.25 2.69 3.72
N ARG A 40 7.43 2.15 4.58
CA ARG A 40 6.72 0.94 4.26
C ARG A 40 5.32 1.33 3.81
N CYS A 41 4.72 0.51 3.01
CA CYS A 41 3.42 0.79 2.47
C CYS A 41 2.28 0.33 3.34
N TRP A 42 1.51 1.29 3.76
CA TRP A 42 0.28 1.06 4.45
C TRP A 42 -0.81 1.30 3.46
N CYS A 43 -1.54 0.28 3.16
CA CYS A 43 -2.50 0.35 2.13
C CYS A 43 -3.90 0.06 2.65
N THR A 44 -4.82 0.85 2.19
CA THR A 44 -6.18 0.78 2.61
C THR A 44 -6.89 -0.36 1.88
N LYS A 45 -7.46 -1.25 2.64
CA LYS A 45 -8.14 -2.39 2.14
C LYS A 45 -9.58 -2.40 2.66
N ASN A 46 -10.46 -3.10 1.99
CA ASN A 46 -11.85 -3.16 2.40
C ASN A 46 -12.10 -4.33 3.30
N CYS A 47 -12.68 -4.05 4.42
CA CYS A 47 -13.00 -5.01 5.42
C CYS A 47 -14.39 -4.68 5.99
N LYS A 1 -15.15 1.04 6.97
CA LYS A 1 -13.98 1.82 7.40
C LYS A 1 -12.79 1.27 6.68
N THR A 2 -11.95 2.12 6.11
CA THR A 2 -10.81 1.61 5.44
C THR A 2 -9.69 1.27 6.40
N CYS A 3 -9.27 0.05 6.32
CA CYS A 3 -8.22 -0.47 7.13
C CYS A 3 -6.90 -0.22 6.46
N GLU A 4 -5.89 -0.03 7.24
CA GLU A 4 -4.59 0.25 6.73
C GLU A 4 -3.68 -0.91 7.16
N ASN A 5 -3.28 -1.72 6.19
CA ASN A 5 -2.52 -2.93 6.45
C ASN A 5 -1.26 -2.96 5.63
N LEU A 6 -0.16 -3.35 6.24
CA LEU A 6 1.11 -3.47 5.56
C LEU A 6 1.08 -4.44 4.40
N ALA A 7 1.67 -4.03 3.32
CA ALA A 7 1.78 -4.83 2.15
C ALA A 7 2.94 -5.79 2.33
N ASP A 8 2.65 -7.06 2.42
CA ASP A 8 3.69 -8.08 2.53
C ASP A 8 4.38 -8.21 1.20
N THR A 9 3.61 -8.02 0.16
CA THR A 9 4.05 -8.15 -1.18
C THR A 9 5.05 -7.04 -1.56
N TYR A 10 4.91 -5.88 -0.93
CA TYR A 10 5.78 -4.77 -1.22
C TYR A 10 7.04 -4.89 -0.37
N LYS A 11 7.96 -5.67 -0.84
CA LYS A 11 9.17 -5.93 -0.14
C LYS A 11 10.24 -4.95 -0.58
N GLY A 12 10.29 -3.85 0.10
CA GLY A 12 11.26 -2.83 -0.19
C GLY A 12 10.79 -1.51 0.35
N PRO A 13 11.63 -0.49 0.32
CA PRO A 13 11.26 0.84 0.77
C PRO A 13 10.45 1.59 -0.29
N CYS A 14 9.59 2.47 0.16
CA CYS A 14 8.80 3.28 -0.74
C CYS A 14 9.65 4.38 -1.34
N PHE A 15 9.96 4.24 -2.62
CA PHE A 15 10.71 5.26 -3.33
C PHE A 15 9.76 6.16 -4.09
N THR A 16 8.62 5.63 -4.45
CA THR A 16 7.62 6.37 -5.14
C THR A 16 6.25 5.97 -4.60
N THR A 17 5.50 6.93 -4.09
CA THR A 17 4.21 6.66 -3.49
C THR A 17 3.20 6.20 -4.57
N GLY A 18 3.36 6.70 -5.80
CA GLY A 18 2.52 6.29 -6.90
C GLY A 18 2.66 4.81 -7.20
N SER A 19 3.88 4.31 -7.06
CA SER A 19 4.17 2.91 -7.27
C SER A 19 3.56 2.07 -6.15
N CYS A 20 3.47 2.68 -4.97
CA CYS A 20 2.89 2.03 -3.81
C CYS A 20 1.38 1.93 -3.99
N ASP A 21 0.79 3.04 -4.42
CA ASP A 21 -0.62 3.13 -4.73
C ASP A 21 -0.98 2.10 -5.77
N ASP A 22 -0.21 2.09 -6.84
CA ASP A 22 -0.42 1.18 -7.96
C ASP A 22 -0.31 -0.28 -7.52
N HIS A 23 0.67 -0.55 -6.67
CA HIS A 23 0.93 -1.88 -6.15
C HIS A 23 -0.26 -2.40 -5.35
N CYS A 24 -0.69 -1.66 -4.36
CA CYS A 24 -1.81 -2.07 -3.53
C CYS A 24 -3.11 -2.22 -4.34
N LYS A 25 -3.23 -1.44 -5.38
CA LYS A 25 -4.41 -1.50 -6.23
C LYS A 25 -4.38 -2.65 -7.22
N ASN A 26 -3.30 -2.82 -7.92
CA ASN A 26 -3.24 -3.84 -8.97
C ASN A 26 -2.74 -5.18 -8.48
N LYS A 27 -1.84 -5.17 -7.53
CA LYS A 27 -1.28 -6.40 -7.02
C LYS A 27 -2.14 -6.94 -5.89
N GLU A 28 -2.43 -6.08 -4.92
CA GLU A 28 -3.20 -6.49 -3.75
C GLU A 28 -4.71 -6.39 -4.02
N HIS A 29 -5.05 -5.68 -5.10
CA HIS A 29 -6.46 -5.48 -5.54
C HIS A 29 -7.27 -4.71 -4.50
N LEU A 30 -6.62 -3.79 -3.84
CA LEU A 30 -7.26 -3.01 -2.79
C LEU A 30 -7.58 -1.61 -3.27
N ARG A 31 -8.17 -0.80 -2.38
CA ARG A 31 -8.58 0.57 -2.67
C ARG A 31 -7.41 1.43 -3.15
N SER A 32 -6.34 1.43 -2.38
CA SER A 32 -5.19 2.26 -2.67
C SER A 32 -4.03 1.84 -1.76
N GLY A 33 -2.96 2.57 -1.82
CA GLY A 33 -1.80 2.31 -1.02
C GLY A 33 -1.23 3.62 -0.56
N ARG A 34 -0.42 3.59 0.46
CA ARG A 34 0.18 4.80 1.00
C ARG A 34 1.47 4.46 1.74
N CYS A 35 2.41 5.37 1.69
CA CYS A 35 3.68 5.18 2.35
C CYS A 35 3.72 6.00 3.62
N ARG A 36 3.74 5.33 4.73
CA ARG A 36 3.77 5.99 6.02
C ARG A 36 5.21 6.36 6.39
N ASP A 37 5.38 6.96 7.56
CA ASP A 37 6.68 7.47 8.07
C ASP A 37 7.75 6.38 8.15
N ASP A 38 7.35 5.13 8.19
CA ASP A 38 8.31 4.02 8.23
C ASP A 38 8.72 3.60 6.83
N PHE A 39 8.41 4.45 5.84
CA PHE A 39 8.75 4.28 4.40
C PHE A 39 8.37 2.92 3.83
N ARG A 40 7.37 2.32 4.40
CA ARG A 40 6.90 1.03 3.97
C ARG A 40 5.48 1.24 3.46
N CYS A 41 4.94 0.30 2.74
CA CYS A 41 3.62 0.45 2.17
C CYS A 41 2.52 -0.14 2.98
N TRP A 42 1.60 0.70 3.30
CA TRP A 42 0.40 0.33 3.95
C TRP A 42 -0.71 0.43 2.92
N CYS A 43 -1.33 -0.65 2.65
CA CYS A 43 -2.38 -0.69 1.69
C CYS A 43 -3.69 -0.34 2.36
N THR A 44 -4.46 0.43 1.68
CA THR A 44 -5.73 0.88 2.17
C THR A 44 -6.80 -0.04 1.62
N LYS A 45 -7.54 -0.68 2.50
CA LYS A 45 -8.55 -1.61 2.08
C LYS A 45 -9.85 -1.38 2.81
N ASN A 46 -10.93 -1.65 2.16
CA ASN A 46 -12.25 -1.44 2.74
C ASN A 46 -12.60 -2.52 3.71
N CYS A 47 -13.16 -2.13 4.81
CA CYS A 47 -13.66 -3.02 5.79
C CYS A 47 -15.04 -2.54 6.15
N LYS A 1 -15.93 0.95 6.79
CA LYS A 1 -14.75 1.73 7.10
C LYS A 1 -13.58 1.09 6.42
N THR A 2 -12.52 1.82 6.24
CA THR A 2 -11.36 1.27 5.64
C THR A 2 -10.56 0.46 6.64
N CYS A 3 -9.88 -0.51 6.14
CA CYS A 3 -8.98 -1.31 6.91
C CYS A 3 -7.63 -1.14 6.27
N GLU A 4 -6.58 -1.12 7.03
CA GLU A 4 -5.30 -0.83 6.47
C GLU A 4 -4.21 -1.59 7.21
N ASN A 5 -3.44 -2.35 6.47
CA ASN A 5 -2.38 -3.15 7.01
C ASN A 5 -1.17 -3.03 6.07
N LEU A 6 -0.02 -3.46 6.53
CA LEU A 6 1.20 -3.44 5.75
C LEU A 6 1.09 -4.34 4.54
N ALA A 7 1.69 -3.91 3.48
CA ALA A 7 1.76 -4.69 2.28
C ALA A 7 2.80 -5.78 2.47
N ASP A 8 2.39 -7.00 2.28
CA ASP A 8 3.27 -8.16 2.44
C ASP A 8 3.77 -8.63 1.10
N THR A 9 2.89 -8.56 0.12
CA THR A 9 3.19 -8.97 -1.23
C THR A 9 4.20 -7.99 -1.84
N TYR A 10 4.07 -6.73 -1.48
CA TYR A 10 4.99 -5.74 -1.93
C TYR A 10 6.28 -5.92 -1.16
N LYS A 11 7.32 -6.14 -1.89
CA LYS A 11 8.59 -6.43 -1.30
C LYS A 11 9.58 -5.29 -1.53
N GLY A 12 10.08 -4.76 -0.46
CA GLY A 12 11.04 -3.70 -0.53
C GLY A 12 10.55 -2.44 0.15
N PRO A 13 11.45 -1.48 0.40
CA PRO A 13 11.07 -0.21 1.00
C PRO A 13 10.42 0.72 -0.03
N CYS A 14 9.42 1.44 0.39
CA CYS A 14 8.71 2.30 -0.51
C CYS A 14 9.27 3.70 -0.44
N PHE A 15 9.79 4.16 -1.54
CA PHE A 15 10.33 5.48 -1.63
C PHE A 15 9.27 6.42 -2.21
N THR A 16 8.64 5.97 -3.25
CA THR A 16 7.63 6.73 -3.92
C THR A 16 6.27 6.06 -3.66
N THR A 17 5.44 6.70 -2.85
CA THR A 17 4.16 6.13 -2.43
C THR A 17 3.25 5.77 -3.62
N GLY A 18 3.33 6.56 -4.69
CA GLY A 18 2.50 6.32 -5.85
C GLY A 18 2.79 4.97 -6.51
N SER A 19 4.02 4.53 -6.41
CA SER A 19 4.43 3.29 -7.02
C SER A 19 3.85 2.10 -6.25
N CYS A 20 3.80 2.23 -4.92
CA CYS A 20 3.27 1.19 -4.07
C CYS A 20 1.73 1.25 -4.10
N ASP A 21 1.21 2.46 -4.25
CA ASP A 21 -0.22 2.72 -4.39
C ASP A 21 -0.73 1.95 -5.59
N ASP A 22 0.04 2.05 -6.65
CA ASP A 22 -0.23 1.35 -7.90
C ASP A 22 -0.27 -0.16 -7.68
N HIS A 23 0.72 -0.66 -6.95
CA HIS A 23 0.84 -2.09 -6.64
C HIS A 23 -0.39 -2.56 -5.86
N CYS A 24 -0.68 -1.91 -4.77
CA CYS A 24 -1.80 -2.31 -3.93
C CYS A 24 -3.17 -2.21 -4.62
N LYS A 25 -3.33 -1.28 -5.53
CA LYS A 25 -4.60 -1.16 -6.25
C LYS A 25 -4.71 -2.18 -7.38
N ASN A 26 -3.60 -2.48 -8.02
CA ASN A 26 -3.61 -3.41 -9.15
C ASN A 26 -3.39 -4.83 -8.72
N LYS A 27 -2.26 -5.09 -8.11
CA LYS A 27 -1.89 -6.43 -7.67
C LYS A 27 -2.79 -6.92 -6.55
N GLU A 28 -2.95 -6.12 -5.54
CA GLU A 28 -3.70 -6.53 -4.37
C GLU A 28 -5.18 -6.21 -4.48
N HIS A 29 -5.54 -5.40 -5.49
CA HIS A 29 -6.95 -5.03 -5.77
C HIS A 29 -7.56 -4.26 -4.56
N LEU A 30 -6.72 -3.56 -3.83
CA LEU A 30 -7.15 -2.82 -2.67
C LEU A 30 -7.62 -1.44 -3.08
N ARG A 31 -7.90 -0.60 -2.11
CA ARG A 31 -8.39 0.73 -2.38
C ARG A 31 -7.25 1.61 -2.85
N SER A 32 -6.18 1.63 -2.10
CA SER A 32 -5.04 2.45 -2.41
C SER A 32 -3.86 2.04 -1.54
N GLY A 33 -2.73 2.66 -1.76
CA GLY A 33 -1.58 2.38 -0.96
C GLY A 33 -0.94 3.66 -0.51
N ARG A 34 -0.46 3.68 0.69
CA ARG A 34 0.21 4.84 1.19
C ARG A 34 1.41 4.48 2.00
N CYS A 35 2.51 4.94 1.54
CA CYS A 35 3.75 4.70 2.18
C CYS A 35 3.98 5.75 3.21
N ARG A 36 4.18 5.32 4.43
CA ARG A 36 4.44 6.22 5.52
C ARG A 36 5.85 6.77 5.42
N ASP A 37 6.19 7.69 6.29
CA ASP A 37 7.51 8.33 6.30
C ASP A 37 8.61 7.30 6.66
N ASP A 38 8.18 6.20 7.27
CA ASP A 38 9.08 5.08 7.62
C ASP A 38 9.36 4.21 6.40
N PHE A 39 8.88 4.64 5.23
CA PHE A 39 9.08 3.93 3.94
C PHE A 39 8.27 2.62 3.87
N ARG A 40 7.29 2.49 4.74
CA ARG A 40 6.46 1.28 4.79
C ARG A 40 5.13 1.48 4.12
N CYS A 41 4.77 0.51 3.31
CA CYS A 41 3.53 0.49 2.58
C CYS A 41 2.37 0.02 3.43
N TRP A 42 1.51 0.93 3.77
CA TRP A 42 0.27 0.61 4.40
C TRP A 42 -0.81 0.78 3.36
N CYS A 43 -1.45 -0.29 3.00
CA CYS A 43 -2.40 -0.22 1.94
C CYS A 43 -3.82 -0.31 2.43
N THR A 44 -4.57 0.69 2.07
CA THR A 44 -5.92 0.89 2.49
C THR A 44 -6.86 0.00 1.66
N LYS A 45 -7.80 -0.61 2.32
CA LYS A 45 -8.82 -1.37 1.65
C LYS A 45 -10.16 -1.05 2.26
N ASN A 46 -11.24 -1.41 1.61
CA ASN A 46 -12.57 -1.09 2.10
C ASN A 46 -13.17 -2.27 2.80
N CYS A 47 -13.84 -2.02 3.87
CA CYS A 47 -14.49 -3.06 4.63
C CYS A 47 -15.92 -2.66 4.91
N LYS A 1 -15.65 1.34 6.73
CA LYS A 1 -14.43 1.63 7.47
C LYS A 1 -13.27 1.22 6.62
N THR A 2 -12.15 1.86 6.76
CA THR A 2 -11.02 1.46 6.00
C THR A 2 -10.04 0.67 6.85
N CYS A 3 -9.64 -0.45 6.33
CA CYS A 3 -8.65 -1.29 6.95
C CYS A 3 -7.35 -0.97 6.27
N GLU A 4 -6.28 -1.01 6.97
CA GLU A 4 -5.03 -0.59 6.42
C GLU A 4 -3.92 -1.39 7.06
N ASN A 5 -3.24 -2.17 6.26
CA ASN A 5 -2.18 -3.04 6.75
C ASN A 5 -0.97 -2.96 5.86
N LEU A 6 0.14 -3.48 6.36
CA LEU A 6 1.38 -3.47 5.63
C LEU A 6 1.37 -4.42 4.47
N ALA A 7 1.93 -3.97 3.41
CA ALA A 7 2.07 -4.74 2.22
C ALA A 7 3.35 -5.55 2.27
N ASP A 8 3.19 -6.83 2.54
CA ASP A 8 4.33 -7.77 2.58
C ASP A 8 4.69 -8.15 1.16
N THR A 9 3.75 -7.93 0.27
CA THR A 9 3.91 -8.20 -1.12
C THR A 9 4.77 -7.09 -1.76
N TYR A 10 4.84 -5.95 -1.11
CA TYR A 10 5.60 -4.84 -1.59
C TYR A 10 7.05 -5.02 -1.22
N LYS A 11 7.90 -5.06 -2.20
CA LYS A 11 9.30 -5.33 -2.02
C LYS A 11 10.12 -4.05 -2.09
N GLY A 12 10.68 -3.68 -0.96
CA GLY A 12 11.51 -2.50 -0.86
C GLY A 12 10.85 -1.43 -0.01
N PRO A 13 11.58 -0.36 0.34
CA PRO A 13 11.01 0.77 1.05
C PRO A 13 10.31 1.70 0.07
N CYS A 14 9.23 2.30 0.48
CA CYS A 14 8.52 3.17 -0.41
C CYS A 14 9.08 4.57 -0.36
N PHE A 15 9.45 5.07 -1.51
CA PHE A 15 9.92 6.43 -1.63
C PHE A 15 8.86 7.26 -2.33
N THR A 16 8.29 6.69 -3.35
CA THR A 16 7.27 7.33 -4.13
C THR A 16 5.93 6.60 -3.92
N THR A 17 4.93 7.32 -3.41
CA THR A 17 3.63 6.75 -3.09
C THR A 17 3.00 6.04 -4.30
N GLY A 18 3.16 6.64 -5.49
CA GLY A 18 2.61 6.08 -6.72
C GLY A 18 3.01 4.64 -6.97
N SER A 19 4.24 4.30 -6.63
CA SER A 19 4.78 2.97 -6.85
C SER A 19 4.04 1.94 -5.96
N CYS A 20 3.65 2.39 -4.81
CA CYS A 20 3.00 1.54 -3.83
C CYS A 20 1.50 1.53 -4.08
N ASP A 21 1.00 2.70 -4.43
CA ASP A 21 -0.40 2.91 -4.75
C ASP A 21 -0.80 2.03 -5.92
N ASP A 22 0.05 2.01 -6.93
CA ASP A 22 -0.16 1.20 -8.13
C ASP A 22 -0.18 -0.29 -7.75
N HIS A 23 0.72 -0.66 -6.85
CA HIS A 23 0.87 -2.04 -6.40
C HIS A 23 -0.39 -2.54 -5.72
N CYS A 24 -0.78 -1.90 -4.64
CA CYS A 24 -1.91 -2.38 -3.88
C CYS A 24 -3.26 -2.24 -4.56
N LYS A 25 -3.40 -1.32 -5.48
CA LYS A 25 -4.66 -1.19 -6.19
C LYS A 25 -4.76 -2.23 -7.29
N ASN A 26 -3.68 -2.44 -7.99
CA ASN A 26 -3.70 -3.31 -9.16
C ASN A 26 -3.40 -4.76 -8.83
N LYS A 27 -2.32 -4.99 -8.10
CA LYS A 27 -1.91 -6.35 -7.77
C LYS A 27 -2.80 -6.94 -6.69
N GLU A 28 -2.96 -6.18 -5.62
CA GLU A 28 -3.72 -6.64 -4.47
C GLU A 28 -5.21 -6.34 -4.60
N HIS A 29 -5.55 -5.47 -5.54
CA HIS A 29 -6.93 -5.06 -5.83
C HIS A 29 -7.60 -4.41 -4.58
N LEU A 30 -6.82 -3.64 -3.87
CA LEU A 30 -7.31 -2.92 -2.72
C LEU A 30 -7.65 -1.49 -3.12
N ARG A 31 -8.01 -0.67 -2.15
CA ARG A 31 -8.42 0.69 -2.42
C ARG A 31 -7.25 1.56 -2.87
N SER A 32 -6.21 1.60 -2.07
CA SER A 32 -5.04 2.43 -2.36
C SER A 32 -3.82 1.90 -1.59
N GLY A 33 -2.67 2.37 -1.95
CA GLY A 33 -1.45 2.03 -1.25
C GLY A 33 -0.75 3.28 -0.85
N ARG A 34 -0.52 3.47 0.42
CA ARG A 34 0.08 4.68 0.90
C ARG A 34 1.35 4.42 1.68
N CYS A 35 2.27 5.30 1.53
CA CYS A 35 3.55 5.16 2.14
C CYS A 35 3.67 6.13 3.28
N ARG A 36 4.11 5.64 4.39
CA ARG A 36 4.30 6.47 5.55
C ARG A 36 5.76 6.77 5.73
N ASP A 37 6.08 7.63 6.70
CA ASP A 37 7.48 8.09 6.93
C ASP A 37 8.36 6.93 7.41
N ASP A 38 7.71 5.86 7.78
CA ASP A 38 8.34 4.62 8.23
C ASP A 38 8.99 3.90 7.02
N PHE A 39 8.64 4.38 5.81
CA PHE A 39 9.08 3.85 4.49
C PHE A 39 8.33 2.60 4.14
N ARG A 40 7.38 2.26 4.97
CA ARG A 40 6.60 1.08 4.77
C ARG A 40 5.32 1.39 4.04
N CYS A 41 4.83 0.42 3.34
CA CYS A 41 3.60 0.51 2.60
C CYS A 41 2.41 0.02 3.38
N TRP A 42 1.52 0.93 3.64
CA TRP A 42 0.26 0.63 4.27
C TRP A 42 -0.79 0.69 3.20
N CYS A 43 -1.40 -0.41 2.94
CA CYS A 43 -2.38 -0.47 1.92
C CYS A 43 -3.76 -0.45 2.52
N THR A 44 -4.54 0.46 2.04
CA THR A 44 -5.83 0.71 2.54
C THR A 44 -6.86 -0.04 1.70
N LYS A 45 -7.79 -0.66 2.36
CA LYS A 45 -8.85 -1.38 1.73
C LYS A 45 -10.15 -1.01 2.41
N ASN A 46 -11.24 -1.13 1.71
CA ASN A 46 -12.53 -0.77 2.29
C ASN A 46 -13.13 -1.97 2.99
N CYS A 47 -13.72 -1.72 4.13
CA CYS A 47 -14.31 -2.74 4.95
C CYS A 47 -15.66 -2.25 5.46
N LYS A 1 -15.75 0.01 5.91
CA LYS A 1 -14.68 0.90 6.32
C LYS A 1 -13.46 0.56 5.48
N THR A 2 -12.45 1.37 5.50
CA THR A 2 -11.22 1.00 4.92
C THR A 2 -10.13 0.92 5.97
N CYS A 3 -9.53 -0.21 6.07
CA CYS A 3 -8.54 -0.52 7.05
C CYS A 3 -7.18 -0.56 6.39
N GLU A 4 -6.28 0.24 6.87
CA GLU A 4 -4.97 0.35 6.28
C GLU A 4 -4.00 -0.54 7.03
N ASN A 5 -3.43 -1.49 6.32
CA ASN A 5 -2.51 -2.45 6.92
C ASN A 5 -1.29 -2.58 6.05
N LEU A 6 -0.25 -3.15 6.59
CA LEU A 6 1.00 -3.34 5.89
C LEU A 6 0.89 -4.21 4.65
N ALA A 7 1.61 -3.78 3.64
CA ALA A 7 1.70 -4.48 2.40
C ALA A 7 2.66 -5.64 2.54
N ASP A 8 2.19 -6.81 2.28
CA ASP A 8 3.03 -8.00 2.34
C ASP A 8 3.54 -8.35 0.96
N THR A 9 2.70 -8.18 -0.02
CA THR A 9 3.02 -8.51 -1.37
C THR A 9 3.96 -7.47 -2.00
N TYR A 10 3.87 -6.21 -1.57
CA TYR A 10 4.73 -5.16 -2.09
C TYR A 10 6.13 -5.35 -1.52
N LYS A 11 7.11 -5.39 -2.38
CA LYS A 11 8.46 -5.60 -1.96
C LYS A 11 9.28 -4.32 -2.08
N GLY A 12 10.20 -4.15 -1.18
CA GLY A 12 11.03 -2.97 -1.18
C GLY A 12 10.36 -1.82 -0.44
N PRO A 13 11.12 -0.81 -0.03
CA PRO A 13 10.54 0.37 0.61
C PRO A 13 9.82 1.25 -0.40
N CYS A 14 9.06 2.17 0.08
CA CYS A 14 8.35 3.07 -0.76
C CYS A 14 9.20 4.27 -1.09
N PHE A 15 9.78 4.27 -2.26
CA PHE A 15 10.56 5.39 -2.74
C PHE A 15 9.63 6.31 -3.50
N THR A 16 8.65 5.71 -4.10
CA THR A 16 7.66 6.38 -4.88
C THR A 16 6.30 5.84 -4.44
N THR A 17 5.44 6.71 -3.93
CA THR A 17 4.15 6.28 -3.44
C THR A 17 3.28 5.81 -4.60
N GLY A 18 3.57 6.32 -5.80
CA GLY A 18 2.87 5.90 -6.99
C GLY A 18 3.01 4.40 -7.23
N SER A 19 4.24 3.90 -7.12
CA SER A 19 4.55 2.49 -7.29
C SER A 19 3.81 1.64 -6.24
N CYS A 20 3.70 2.20 -5.06
CA CYS A 20 3.06 1.55 -3.93
C CYS A 20 1.54 1.53 -4.11
N ASP A 21 0.98 2.68 -4.46
CA ASP A 21 -0.45 2.84 -4.65
C ASP A 21 -0.93 2.01 -5.82
N ASP A 22 -0.12 1.98 -6.86
CA ASP A 22 -0.40 1.18 -8.06
C ASP A 22 -0.52 -0.29 -7.71
N HIS A 23 0.38 -0.74 -6.85
CA HIS A 23 0.40 -2.10 -6.40
C HIS A 23 -0.85 -2.42 -5.58
N CYS A 24 -1.08 -1.63 -4.54
CA CYS A 24 -2.22 -1.88 -3.67
C CYS A 24 -3.54 -1.82 -4.45
N LYS A 25 -3.67 -0.87 -5.39
CA LYS A 25 -4.89 -0.77 -6.20
C LYS A 25 -5.04 -1.91 -7.19
N ASN A 26 -4.08 -2.05 -8.09
CA ASN A 26 -4.23 -2.96 -9.23
C ASN A 26 -3.92 -4.38 -8.87
N LYS A 27 -2.84 -4.59 -8.17
CA LYS A 27 -2.39 -5.92 -7.87
C LYS A 27 -3.23 -6.56 -6.79
N GLU A 28 -3.40 -5.85 -5.71
CA GLU A 28 -4.07 -6.41 -4.56
C GLU A 28 -5.56 -6.06 -4.55
N HIS A 29 -5.99 -5.20 -5.48
CA HIS A 29 -7.40 -4.77 -5.62
C HIS A 29 -7.90 -4.00 -4.40
N LEU A 30 -7.00 -3.34 -3.75
CA LEU A 30 -7.32 -2.60 -2.56
C LEU A 30 -7.59 -1.14 -2.92
N ARG A 31 -7.79 -0.30 -1.93
CA ARG A 31 -8.16 1.08 -2.18
C ARG A 31 -6.97 1.95 -2.57
N SER A 32 -5.99 2.03 -1.71
CA SER A 32 -4.86 2.89 -1.99
C SER A 32 -3.61 2.35 -1.35
N GLY A 33 -2.47 2.76 -1.84
CA GLY A 33 -1.22 2.39 -1.25
C GLY A 33 -0.58 3.61 -0.69
N ARG A 34 -0.61 3.73 0.59
CA ARG A 34 -0.14 4.92 1.23
C ARG A 34 1.15 4.63 1.95
N CYS A 35 2.10 5.47 1.74
CA CYS A 35 3.39 5.32 2.32
C CYS A 35 3.47 6.12 3.58
N ARG A 36 3.95 5.51 4.61
CA ARG A 36 4.01 6.15 5.90
C ARG A 36 5.43 6.53 6.26
N ASP A 37 5.59 7.10 7.44
CA ASP A 37 6.87 7.63 7.95
C ASP A 37 8.01 6.62 7.92
N ASP A 38 7.69 5.38 8.21
CA ASP A 38 8.71 4.31 8.24
C ASP A 38 9.06 3.83 6.82
N PHE A 39 8.53 4.51 5.81
CA PHE A 39 8.79 4.26 4.37
C PHE A 39 8.27 2.92 3.88
N ARG A 40 7.57 2.24 4.72
CA ARG A 40 6.98 0.99 4.36
C ARG A 40 5.57 1.25 3.80
N CYS A 41 5.05 0.32 3.05
CA CYS A 41 3.77 0.48 2.41
C CYS A 41 2.63 -0.01 3.24
N TRP A 42 1.66 0.83 3.38
CA TRP A 42 0.45 0.53 4.04
C TRP A 42 -0.68 0.61 3.02
N CYS A 43 -1.23 -0.52 2.69
CA CYS A 43 -2.30 -0.56 1.73
C CYS A 43 -3.62 -0.37 2.46
N THR A 44 -4.35 0.61 2.05
CA THR A 44 -5.64 0.88 2.58
C THR A 44 -6.61 -0.10 1.90
N LYS A 45 -7.13 -1.05 2.63
CA LYS A 45 -7.99 -2.06 2.06
C LYS A 45 -9.39 -2.00 2.61
N ASN A 46 -10.31 -2.67 1.96
CA ASN A 46 -11.70 -2.59 2.35
C ASN A 46 -12.01 -3.54 3.49
N CYS A 47 -12.69 -3.05 4.45
CA CYS A 47 -13.17 -3.81 5.55
C CYS A 47 -14.64 -3.47 5.72
N LYS A 1 -15.74 -0.67 6.20
CA LYS A 1 -14.74 0.24 6.77
C LYS A 1 -13.44 -0.03 6.06
N THR A 2 -12.67 0.98 5.79
CA THR A 2 -11.39 0.74 5.21
C THR A 2 -10.32 0.77 6.27
N CYS A 3 -9.43 -0.17 6.18
CA CYS A 3 -8.39 -0.34 7.18
C CYS A 3 -7.05 -0.10 6.53
N GLU A 4 -6.19 0.62 7.21
CA GLU A 4 -4.87 0.86 6.72
C GLU A 4 -3.93 -0.18 7.32
N ASN A 5 -3.45 -1.08 6.51
CA ASN A 5 -2.57 -2.13 6.99
C ASN A 5 -1.43 -2.33 6.04
N LEU A 6 -0.42 -3.00 6.53
CA LEU A 6 0.76 -3.26 5.75
C LEU A 6 0.52 -4.15 4.55
N ALA A 7 1.13 -3.77 3.47
CA ALA A 7 1.13 -4.54 2.26
C ALA A 7 2.19 -5.61 2.41
N ASP A 8 1.83 -6.84 2.16
CA ASP A 8 2.76 -7.95 2.34
C ASP A 8 3.54 -8.24 1.08
N THR A 9 2.89 -8.16 -0.06
CA THR A 9 3.53 -8.43 -1.32
C THR A 9 4.55 -7.33 -1.66
N TYR A 10 4.26 -6.11 -1.24
CA TYR A 10 5.15 -5.00 -1.45
C TYR A 10 6.24 -5.05 -0.41
N LYS A 11 7.28 -5.77 -0.71
CA LYS A 11 8.38 -5.92 0.18
C LYS A 11 9.53 -5.05 -0.23
N GLY A 12 9.59 -3.92 0.39
CA GLY A 12 10.64 -2.99 0.14
C GLY A 12 10.20 -1.64 0.60
N PRO A 13 11.04 -0.63 0.50
CA PRO A 13 10.68 0.71 0.87
C PRO A 13 9.98 1.44 -0.26
N CYS A 14 9.07 2.29 0.11
CA CYS A 14 8.36 3.12 -0.83
C CYS A 14 9.28 4.22 -1.33
N PHE A 15 9.69 4.12 -2.57
CA PHE A 15 10.52 5.15 -3.18
C PHE A 15 9.60 6.19 -3.76
N THR A 16 8.61 5.72 -4.45
CA THR A 16 7.61 6.54 -5.05
C THR A 16 6.25 6.05 -4.58
N THR A 17 5.44 6.95 -4.05
CA THR A 17 4.14 6.59 -3.52
C THR A 17 3.22 6.08 -4.63
N GLY A 18 3.40 6.61 -5.83
CA GLY A 18 2.62 6.19 -6.98
C GLY A 18 2.76 4.71 -7.24
N SER A 19 3.98 4.20 -7.13
CA SER A 19 4.28 2.80 -7.36
C SER A 19 3.62 1.93 -6.28
N CYS A 20 3.55 2.45 -5.07
CA CYS A 20 2.94 1.78 -3.94
C CYS A 20 1.43 1.72 -4.14
N ASP A 21 0.87 2.87 -4.47
CA ASP A 21 -0.54 3.04 -4.78
C ASP A 21 -0.93 2.09 -5.90
N ASP A 22 -0.10 2.09 -6.94
CA ASP A 22 -0.28 1.25 -8.12
C ASP A 22 -0.26 -0.23 -7.73
N HIS A 23 0.72 -0.62 -6.93
CA HIS A 23 0.88 -2.01 -6.51
C HIS A 23 -0.34 -2.49 -5.73
N CYS A 24 -0.71 -1.78 -4.69
CA CYS A 24 -1.82 -2.20 -3.86
C CYS A 24 -3.16 -2.16 -4.59
N LYS A 25 -3.30 -1.27 -5.55
CA LYS A 25 -4.52 -1.19 -6.34
C LYS A 25 -4.57 -2.22 -7.47
N ASN A 26 -3.47 -2.42 -8.14
CA ASN A 26 -3.45 -3.30 -9.31
C ASN A 26 -3.14 -4.74 -8.96
N LYS A 27 -2.21 -4.95 -8.07
CA LYS A 27 -1.82 -6.30 -7.71
C LYS A 27 -2.67 -6.80 -6.55
N GLU A 28 -2.76 -6.00 -5.51
CA GLU A 28 -3.51 -6.39 -4.32
C GLU A 28 -5.00 -6.10 -4.47
N HIS A 29 -5.35 -5.25 -5.44
CA HIS A 29 -6.74 -4.87 -5.76
C HIS A 29 -7.43 -4.10 -4.61
N LEU A 30 -6.64 -3.43 -3.80
CA LEU A 30 -7.12 -2.69 -2.64
C LEU A 30 -7.58 -1.29 -3.06
N ARG A 31 -7.92 -0.45 -2.07
CA ARG A 31 -8.41 0.90 -2.34
C ARG A 31 -7.28 1.81 -2.83
N SER A 32 -6.17 1.81 -2.12
CA SER A 32 -5.01 2.60 -2.49
C SER A 32 -3.81 2.18 -1.64
N GLY A 33 -2.64 2.71 -1.95
CA GLY A 33 -1.46 2.41 -1.19
C GLY A 33 -0.86 3.66 -0.64
N ARG A 34 -0.64 3.70 0.66
CA ARG A 34 -0.14 4.90 1.30
C ARG A 34 1.24 4.62 1.88
N CYS A 35 2.15 5.54 1.68
CA CYS A 35 3.48 5.39 2.19
C CYS A 35 3.60 6.18 3.47
N ARG A 36 4.04 5.53 4.50
CA ARG A 36 4.18 6.15 5.79
C ARG A 36 5.65 6.32 6.11
N ASP A 37 5.94 7.06 7.18
CA ASP A 37 7.31 7.41 7.64
C ASP A 37 8.23 6.21 7.76
N ASP A 38 7.69 5.07 8.11
CA ASP A 38 8.47 3.83 8.26
C ASP A 38 8.89 3.24 6.92
N PHE A 39 8.56 3.93 5.83
CA PHE A 39 8.96 3.60 4.44
C PHE A 39 8.27 2.38 3.88
N ARG A 40 7.45 1.76 4.66
CA ARG A 40 6.73 0.59 4.23
C ARG A 40 5.35 1.04 3.77
N CYS A 41 4.71 0.24 2.94
CA CYS A 41 3.41 0.56 2.44
C CYS A 41 2.29 0.12 3.34
N TRP A 42 1.51 1.08 3.71
CA TRP A 42 0.31 0.89 4.46
C TRP A 42 -0.83 1.12 3.48
N CYS A 43 -1.37 0.07 3.00
CA CYS A 43 -2.37 0.17 1.99
C CYS A 43 -3.75 0.08 2.59
N THR A 44 -4.64 0.84 2.04
CA THR A 44 -5.97 0.93 2.49
C THR A 44 -6.81 -0.20 1.87
N LYS A 45 -7.27 -1.10 2.71
CA LYS A 45 -8.05 -2.25 2.26
C LYS A 45 -9.47 -2.13 2.80
N ASN A 46 -10.38 -2.81 2.16
CA ASN A 46 -11.78 -2.79 2.56
C ASN A 46 -12.06 -3.88 3.58
N CYS A 47 -12.62 -3.49 4.67
CA CYS A 47 -13.01 -4.37 5.72
C CYS A 47 -14.53 -4.28 5.83
N LYS A 1 -15.44 0.33 6.44
CA LYS A 1 -14.35 0.99 7.17
C LYS A 1 -13.08 0.82 6.37
N THR A 2 -12.26 1.83 6.29
CA THR A 2 -11.02 1.66 5.61
C THR A 2 -9.98 1.12 6.55
N CYS A 3 -9.40 0.05 6.16
CA CYS A 3 -8.42 -0.62 6.96
C CYS A 3 -7.06 -0.47 6.32
N GLU A 4 -6.12 -0.05 7.10
CA GLU A 4 -4.79 0.20 6.63
C GLU A 4 -3.88 -0.92 7.13
N ASN A 5 -3.42 -1.74 6.23
CA ASN A 5 -2.61 -2.90 6.58
C ASN A 5 -1.38 -2.99 5.70
N LEU A 6 -0.29 -3.50 6.26
CA LEU A 6 0.98 -3.60 5.54
C LEU A 6 0.94 -4.48 4.32
N ALA A 7 1.65 -4.03 3.31
CA ALA A 7 1.81 -4.77 2.08
C ALA A 7 2.88 -5.82 2.27
N ASP A 8 2.58 -7.02 1.92
CA ASP A 8 3.54 -8.11 2.04
C ASP A 8 4.25 -8.29 0.72
N THR A 9 3.51 -8.10 -0.36
CA THR A 9 4.02 -8.28 -1.68
C THR A 9 5.00 -7.14 -2.07
N TYR A 10 4.90 -6.01 -1.39
CA TYR A 10 5.74 -4.90 -1.70
C TYR A 10 7.09 -5.10 -1.03
N LYS A 11 8.02 -5.55 -1.81
CA LYS A 11 9.35 -5.82 -1.35
C LYS A 11 10.28 -4.67 -1.71
N GLY A 12 10.61 -3.90 -0.70
CA GLY A 12 11.42 -2.73 -0.87
C GLY A 12 10.77 -1.54 -0.19
N PRO A 13 11.50 -0.45 0.08
CA PRO A 13 10.94 0.75 0.67
C PRO A 13 10.19 1.58 -0.38
N CYS A 14 9.27 2.39 0.07
CA CYS A 14 8.50 3.23 -0.80
C CYS A 14 9.17 4.56 -1.03
N PHE A 15 9.62 4.76 -2.24
CA PHE A 15 10.16 6.03 -2.64
C PHE A 15 9.12 6.72 -3.50
N THR A 16 8.59 5.98 -4.44
CA THR A 16 7.53 6.47 -5.27
C THR A 16 6.20 5.99 -4.67
N THR A 17 5.54 6.91 -4.02
CA THR A 17 4.29 6.67 -3.35
C THR A 17 3.25 6.18 -4.36
N GLY A 18 3.32 6.73 -5.57
CA GLY A 18 2.37 6.41 -6.61
C GLY A 18 2.44 4.96 -7.02
N SER A 19 3.65 4.41 -7.03
CA SER A 19 3.86 3.05 -7.45
C SER A 19 3.44 2.08 -6.34
N CYS A 20 3.54 2.53 -5.09
CA CYS A 20 3.10 1.73 -3.95
C CYS A 20 1.59 1.68 -3.95
N ASP A 21 1.00 2.82 -4.20
CA ASP A 21 -0.43 2.95 -4.33
C ASP A 21 -0.94 2.06 -5.45
N ASP A 22 -0.23 2.10 -6.55
CA ASP A 22 -0.52 1.31 -7.74
C ASP A 22 -0.38 -0.18 -7.44
N HIS A 23 0.58 -0.51 -6.61
CA HIS A 23 0.86 -1.88 -6.20
C HIS A 23 -0.31 -2.46 -5.43
N CYS A 24 -0.71 -1.77 -4.36
CA CYS A 24 -1.82 -2.22 -3.54
C CYS A 24 -3.10 -2.33 -4.38
N LYS A 25 -3.28 -1.39 -5.30
CA LYS A 25 -4.43 -1.39 -6.19
C LYS A 25 -4.41 -2.57 -7.17
N ASN A 26 -3.35 -2.70 -7.94
CA ASN A 26 -3.30 -3.71 -8.98
C ASN A 26 -2.95 -5.08 -8.47
N LYS A 27 -1.78 -5.19 -7.88
CA LYS A 27 -1.25 -6.46 -7.44
C LYS A 27 -2.08 -7.07 -6.32
N GLU A 28 -2.46 -6.27 -5.38
CA GLU A 28 -3.20 -6.77 -4.24
C GLU A 28 -4.70 -6.63 -4.40
N HIS A 29 -5.13 -5.98 -5.49
CA HIS A 29 -6.56 -5.77 -5.83
C HIS A 29 -7.28 -4.91 -4.77
N LEU A 30 -6.52 -4.10 -4.06
CA LEU A 30 -7.05 -3.30 -2.98
C LEU A 30 -7.42 -1.89 -3.45
N ARG A 31 -7.91 -1.08 -2.52
CA ARG A 31 -8.36 0.26 -2.81
C ARG A 31 -7.21 1.19 -3.17
N SER A 32 -6.25 1.34 -2.27
CA SER A 32 -5.13 2.26 -2.49
C SER A 32 -3.92 1.81 -1.66
N GLY A 33 -2.80 2.46 -1.84
CA GLY A 33 -1.62 2.14 -1.07
C GLY A 33 -0.96 3.38 -0.57
N ARG A 34 -0.59 3.40 0.68
CA ARG A 34 0.00 4.58 1.26
C ARG A 34 1.37 4.29 1.81
N CYS A 35 2.22 5.25 1.71
CA CYS A 35 3.56 5.12 2.20
C CYS A 35 3.69 5.95 3.44
N ARG A 36 3.93 5.30 4.54
CA ARG A 36 3.98 5.96 5.82
C ARG A 36 5.40 6.39 6.16
N ASP A 37 5.54 7.00 7.34
CA ASP A 37 6.82 7.56 7.87
C ASP A 37 8.01 6.59 7.78
N ASP A 38 7.73 5.32 7.96
CA ASP A 38 8.75 4.26 7.92
C ASP A 38 9.22 3.94 6.50
N PHE A 39 8.64 4.62 5.50
CA PHE A 39 8.89 4.32 4.08
C PHE A 39 8.27 2.98 3.72
N ARG A 40 7.41 2.49 4.58
CA ARG A 40 6.82 1.20 4.37
C ARG A 40 5.42 1.37 3.83
N CYS A 41 4.96 0.40 3.10
CA CYS A 41 3.69 0.45 2.44
C CYS A 41 2.55 -0.13 3.24
N TRP A 42 1.63 0.72 3.55
CA TRP A 42 0.41 0.37 4.21
C TRP A 42 -0.71 0.51 3.21
N CYS A 43 -1.22 -0.60 2.78
CA CYS A 43 -2.28 -0.62 1.81
C CYS A 43 -3.59 -0.31 2.50
N THR A 44 -4.39 0.46 1.85
CA THR A 44 -5.66 0.81 2.38
C THR A 44 -6.72 0.12 1.55
N LYS A 45 -7.49 -0.72 2.17
CA LYS A 45 -8.54 -1.41 1.50
C LYS A 45 -9.83 -1.15 2.24
N ASN A 46 -10.92 -1.54 1.70
CA ASN A 46 -12.18 -1.33 2.36
C ASN A 46 -12.59 -2.57 3.10
N CYS A 47 -12.70 -2.43 4.38
CA CYS A 47 -13.14 -3.47 5.25
C CYS A 47 -14.54 -3.12 5.72
N LYS A 1 -15.60 2.32 5.51
CA LYS A 1 -14.51 2.32 6.48
C LYS A 1 -13.29 1.76 5.81
N THR A 2 -12.16 2.33 6.09
CA THR A 2 -10.94 1.84 5.54
C THR A 2 -10.00 1.38 6.64
N CYS A 3 -9.35 0.30 6.41
CA CYS A 3 -8.33 -0.14 7.32
C CYS A 3 -7.07 -0.29 6.53
N GLU A 4 -5.96 -0.16 7.17
CA GLU A 4 -4.71 -0.15 6.48
C GLU A 4 -3.79 -1.19 7.09
N ASN A 5 -3.09 -1.89 6.24
CA ASN A 5 -2.20 -2.97 6.67
C ASN A 5 -1.00 -3.01 5.74
N LEU A 6 0.13 -3.49 6.24
CA LEU A 6 1.37 -3.57 5.48
C LEU A 6 1.28 -4.44 4.23
N ALA A 7 2.06 -4.05 3.24
CA ALA A 7 2.23 -4.80 2.03
C ALA A 7 3.41 -5.76 2.21
N ASP A 8 3.12 -7.04 2.12
CA ASP A 8 4.10 -8.11 2.37
C ASP A 8 5.04 -8.30 1.19
N THR A 9 4.48 -8.29 0.01
CA THR A 9 5.22 -8.54 -1.21
C THR A 9 6.09 -7.33 -1.58
N TYR A 10 5.59 -6.14 -1.29
CA TYR A 10 6.31 -4.93 -1.61
C TYR A 10 7.57 -4.83 -0.76
N LYS A 11 8.68 -4.90 -1.40
CA LYS A 11 9.95 -4.83 -0.74
C LYS A 11 10.70 -3.58 -1.18
N GLY A 12 11.28 -2.90 -0.23
CA GLY A 12 12.01 -1.70 -0.51
C GLY A 12 11.32 -0.50 0.11
N PRO A 13 11.96 0.66 0.16
CA PRO A 13 11.36 1.86 0.71
C PRO A 13 10.52 2.58 -0.33
N CYS A 14 9.42 3.16 0.09
CA CYS A 14 8.56 3.87 -0.81
C CYS A 14 9.18 5.19 -1.27
N PHE A 15 9.51 5.26 -2.53
CA PHE A 15 10.01 6.47 -3.12
C PHE A 15 8.84 7.25 -3.68
N THR A 16 8.22 6.71 -4.71
CA THR A 16 7.07 7.32 -5.31
C THR A 16 5.81 6.62 -4.78
N THR A 17 4.97 7.35 -4.07
CA THR A 17 3.74 6.79 -3.50
C THR A 17 2.83 6.20 -4.58
N GLY A 18 2.83 6.81 -5.77
CA GLY A 18 2.03 6.30 -6.88
C GLY A 18 2.38 4.86 -7.26
N SER A 19 3.65 4.50 -7.13
CA SER A 19 4.11 3.16 -7.44
C SER A 19 3.62 2.18 -6.35
N CYS A 20 3.59 2.67 -5.13
CA CYS A 20 3.14 1.89 -3.98
C CYS A 20 1.63 1.68 -4.05
N ASP A 21 0.92 2.74 -4.44
CA ASP A 21 -0.51 2.69 -4.63
C ASP A 21 -0.87 1.74 -5.76
N ASP A 22 -0.03 1.73 -6.79
CA ASP A 22 -0.18 0.81 -7.91
C ASP A 22 -0.10 -0.62 -7.42
N HIS A 23 0.85 -0.88 -6.53
CA HIS A 23 1.04 -2.20 -5.97
C HIS A 23 -0.21 -2.61 -5.19
N CYS A 24 -0.68 -1.73 -4.35
CA CYS A 24 -1.83 -2.02 -3.55
C CYS A 24 -3.12 -2.17 -4.39
N LYS A 25 -3.31 -1.34 -5.43
CA LYS A 25 -4.50 -1.46 -6.27
C LYS A 25 -4.42 -2.63 -7.25
N ASN A 26 -3.35 -2.65 -8.02
CA ASN A 26 -3.20 -3.57 -9.14
C ASN A 26 -2.70 -4.94 -8.73
N LYS A 27 -1.79 -4.97 -7.80
CA LYS A 27 -1.20 -6.24 -7.39
C LYS A 27 -1.98 -6.87 -6.24
N GLU A 28 -2.23 -6.09 -5.21
CA GLU A 28 -2.92 -6.58 -4.02
C GLU A 28 -4.43 -6.51 -4.15
N HIS A 29 -4.90 -5.80 -5.17
CA HIS A 29 -6.34 -5.65 -5.48
C HIS A 29 -7.11 -4.93 -4.40
N LEU A 30 -6.42 -4.06 -3.70
CA LEU A 30 -7.03 -3.30 -2.64
C LEU A 30 -7.42 -1.92 -3.14
N ARG A 31 -7.90 -1.09 -2.25
CA ARG A 31 -8.42 0.21 -2.60
C ARG A 31 -7.31 1.18 -3.01
N SER A 32 -6.33 1.37 -2.16
CA SER A 32 -5.28 2.32 -2.42
C SER A 32 -4.04 1.94 -1.64
N GLY A 33 -2.94 2.60 -1.89
CA GLY A 33 -1.73 2.35 -1.16
C GLY A 33 -1.13 3.62 -0.63
N ARG A 34 -0.58 3.57 0.56
CA ARG A 34 0.00 4.72 1.19
C ARG A 34 1.37 4.37 1.74
N CYS A 35 2.21 5.36 1.77
CA CYS A 35 3.53 5.22 2.29
C CYS A 35 3.57 5.98 3.59
N ARG A 36 3.84 5.29 4.64
CA ARG A 36 3.83 5.88 5.94
C ARG A 36 5.22 6.29 6.39
N ASP A 37 5.32 6.83 7.60
CA ASP A 37 6.57 7.40 8.17
C ASP A 37 7.69 6.37 8.34
N ASP A 38 7.36 5.11 8.23
CA ASP A 38 8.37 4.05 8.29
C ASP A 38 8.88 3.74 6.89
N PHE A 39 8.35 4.48 5.91
CA PHE A 39 8.70 4.38 4.48
C PHE A 39 8.34 3.04 3.87
N ARG A 40 7.54 2.30 4.58
CA ARG A 40 7.09 1.02 4.13
C ARG A 40 5.68 1.19 3.56
N CYS A 41 5.21 0.25 2.79
CA CYS A 41 3.92 0.36 2.16
C CYS A 41 2.80 -0.20 2.98
N TRP A 42 1.82 0.63 3.17
CA TRP A 42 0.62 0.32 3.88
C TRP A 42 -0.55 0.44 2.91
N CYS A 43 -1.21 -0.63 2.66
CA CYS A 43 -2.29 -0.63 1.72
C CYS A 43 -3.63 -0.35 2.39
N THR A 44 -4.38 0.53 1.79
CA THR A 44 -5.68 0.91 2.25
C THR A 44 -6.73 0.03 1.58
N LYS A 45 -7.62 -0.52 2.33
CA LYS A 45 -8.69 -1.32 1.79
C LYS A 45 -9.98 -0.98 2.52
N ASN A 46 -11.09 -1.39 1.97
CA ASN A 46 -12.39 -1.15 2.59
C ASN A 46 -12.64 -2.25 3.56
N CYS A 47 -12.93 -1.90 4.75
CA CYS A 47 -13.05 -2.87 5.79
C CYS A 47 -14.37 -2.67 6.50
N LYS A 1 -15.18 2.36 6.49
CA LYS A 1 -13.90 3.02 6.58
C LYS A 1 -12.91 2.24 5.76
N THR A 2 -11.67 2.59 5.86
CA THR A 2 -10.64 1.88 5.24
C THR A 2 -9.60 1.50 6.28
N CYS A 3 -8.98 0.39 6.08
CA CYS A 3 -7.99 -0.09 7.00
C CYS A 3 -6.64 -0.09 6.33
N GLU A 4 -5.67 0.41 7.02
CA GLU A 4 -4.33 0.52 6.51
C GLU A 4 -3.50 -0.68 6.99
N ASN A 5 -3.05 -1.50 6.06
CA ASN A 5 -2.30 -2.72 6.38
C ASN A 5 -1.08 -2.85 5.48
N LEU A 6 0.02 -3.35 6.01
CA LEU A 6 1.29 -3.49 5.27
C LEU A 6 1.21 -4.37 4.03
N ALA A 7 1.86 -3.90 3.00
CA ALA A 7 2.05 -4.65 1.79
C ALA A 7 3.31 -5.45 1.98
N ASP A 8 3.15 -6.71 2.24
CA ASP A 8 4.27 -7.58 2.57
C ASP A 8 5.02 -7.98 1.32
N THR A 9 4.29 -8.07 0.24
CA THR A 9 4.85 -8.48 -1.04
C THR A 9 5.63 -7.33 -1.71
N TYR A 10 5.51 -6.14 -1.15
CA TYR A 10 6.24 -5.01 -1.66
C TYR A 10 7.64 -5.08 -1.08
N LYS A 11 8.61 -5.30 -1.93
CA LYS A 11 9.95 -5.44 -1.46
C LYS A 11 10.71 -4.14 -1.57
N GLY A 12 11.43 -3.81 -0.55
CA GLY A 12 12.19 -2.60 -0.53
C GLY A 12 11.46 -1.48 0.17
N PRO A 13 11.99 -0.26 0.13
CA PRO A 13 11.36 0.89 0.73
C PRO A 13 10.36 1.53 -0.24
N CYS A 14 9.54 2.40 0.27
CA CYS A 14 8.62 3.11 -0.56
C CYS A 14 9.34 4.21 -1.29
N PHE A 15 9.50 4.05 -2.57
CA PHE A 15 10.15 5.05 -3.39
C PHE A 15 9.19 6.17 -3.64
N THR A 16 8.01 5.81 -4.07
CA THR A 16 6.93 6.72 -4.25
C THR A 16 5.65 6.03 -3.83
N THR A 17 4.76 6.76 -3.25
CA THR A 17 3.53 6.22 -2.80
C THR A 17 2.60 5.98 -4.00
N GLY A 18 2.93 6.57 -5.16
CA GLY A 18 2.16 6.35 -6.36
C GLY A 18 2.34 4.94 -6.86
N SER A 19 3.59 4.51 -6.91
CA SER A 19 3.94 3.15 -7.29
C SER A 19 3.35 2.17 -6.28
N CYS A 20 3.46 2.54 -5.02
CA CYS A 20 2.95 1.77 -3.92
C CYS A 20 1.42 1.63 -4.06
N ASP A 21 0.77 2.72 -4.39
CA ASP A 21 -0.68 2.75 -4.59
C ASP A 21 -1.09 1.82 -5.72
N ASP A 22 -0.33 1.84 -6.79
CA ASP A 22 -0.59 1.00 -7.95
C ASP A 22 -0.39 -0.46 -7.58
N HIS A 23 0.65 -0.71 -6.79
CA HIS A 23 0.96 -2.02 -6.27
C HIS A 23 -0.22 -2.53 -5.42
N CYS A 24 -0.70 -1.70 -4.53
CA CYS A 24 -1.82 -2.05 -3.68
C CYS A 24 -3.10 -2.29 -4.51
N LYS A 25 -3.36 -1.45 -5.51
CA LYS A 25 -4.54 -1.59 -6.37
C LYS A 25 -4.48 -2.84 -7.25
N ASN A 26 -3.35 -3.06 -7.84
CA ASN A 26 -3.18 -4.13 -8.80
C ASN A 26 -2.72 -5.43 -8.20
N LYS A 27 -1.56 -5.42 -7.57
CA LYS A 27 -0.93 -6.61 -6.99
C LYS A 27 -1.77 -7.18 -5.84
N GLU A 28 -2.15 -6.34 -4.92
CA GLU A 28 -2.90 -6.80 -3.78
C GLU A 28 -4.39 -6.69 -3.98
N HIS A 29 -4.76 -5.93 -4.99
CA HIS A 29 -6.15 -5.62 -5.34
C HIS A 29 -6.90 -5.05 -4.15
N LEU A 30 -6.45 -3.91 -3.73
CA LEU A 30 -7.05 -3.18 -2.65
C LEU A 30 -7.46 -1.80 -3.17
N ARG A 31 -7.94 -0.96 -2.29
CA ARG A 31 -8.45 0.35 -2.70
C ARG A 31 -7.32 1.26 -3.18
N SER A 32 -6.36 1.47 -2.34
CA SER A 32 -5.29 2.37 -2.62
C SER A 32 -4.08 2.03 -1.76
N GLY A 33 -3.03 2.81 -1.87
CA GLY A 33 -1.87 2.59 -1.05
C GLY A 33 -1.22 3.89 -0.67
N ARG A 34 -0.86 4.00 0.58
CA ARG A 34 -0.21 5.20 1.09
C ARG A 34 0.94 4.83 1.98
N CYS A 35 2.11 5.25 1.60
CA CYS A 35 3.30 5.00 2.37
C CYS A 35 3.28 5.81 3.64
N ARG A 36 3.72 5.21 4.70
CA ARG A 36 3.72 5.85 5.99
C ARG A 36 5.14 6.24 6.40
N ASP A 37 5.28 6.82 7.60
CA ASP A 37 6.56 7.35 8.13
C ASP A 37 7.65 6.31 8.20
N ASP A 38 7.25 5.06 8.34
CA ASP A 38 8.20 3.94 8.39
C ASP A 38 8.84 3.66 7.04
N PHE A 39 8.38 4.38 6.01
CA PHE A 39 8.87 4.26 4.61
C PHE A 39 8.51 2.91 4.00
N ARG A 40 7.62 2.21 4.63
CA ARG A 40 7.18 0.94 4.13
C ARG A 40 5.78 1.14 3.54
N CYS A 41 5.32 0.19 2.76
CA CYS A 41 4.04 0.31 2.11
C CYS A 41 2.88 -0.21 2.90
N TRP A 42 1.94 0.66 3.11
CA TRP A 42 0.70 0.34 3.73
C TRP A 42 -0.41 0.50 2.71
N CYS A 43 -1.16 -0.52 2.53
CA CYS A 43 -2.24 -0.50 1.58
C CYS A 43 -3.54 -0.20 2.27
N THR A 44 -4.38 0.48 1.59
CA THR A 44 -5.66 0.86 2.06
C THR A 44 -6.70 -0.16 1.56
N LYS A 45 -7.29 -0.90 2.48
CA LYS A 45 -8.33 -1.84 2.13
C LYS A 45 -9.66 -1.34 2.65
N ASN A 46 -10.73 -1.70 1.99
CA ASN A 46 -12.07 -1.29 2.38
C ASN A 46 -12.57 -2.08 3.56
N CYS A 47 -13.12 -1.37 4.53
CA CYS A 47 -13.71 -1.94 5.69
C CYS A 47 -15.00 -1.19 5.97
N LYS A 1 -15.83 -0.52 6.05
CA LYS A 1 -14.70 -0.13 6.90
C LYS A 1 -13.43 -0.14 6.06
N THR A 2 -12.60 0.84 6.22
CA THR A 2 -11.34 0.85 5.55
C THR A 2 -10.21 0.60 6.51
N CYS A 3 -9.41 -0.38 6.20
CA CYS A 3 -8.36 -0.82 7.08
C CYS A 3 -7.02 -0.57 6.43
N GLU A 4 -6.21 0.25 7.04
CA GLU A 4 -4.89 0.53 6.53
C GLU A 4 -3.93 -0.50 7.12
N ASN A 5 -3.38 -1.33 6.29
CA ASN A 5 -2.53 -2.41 6.74
C ASN A 5 -1.26 -2.45 5.91
N LEU A 6 -0.18 -2.95 6.50
CA LEU A 6 1.09 -3.08 5.83
C LEU A 6 1.05 -3.97 4.63
N ALA A 7 1.67 -3.52 3.59
CA ALA A 7 1.80 -4.26 2.40
C ALA A 7 3.12 -5.00 2.41
N ASP A 8 3.06 -6.26 2.74
CA ASP A 8 4.21 -7.13 2.62
C ASP A 8 4.12 -7.83 1.31
N THR A 9 2.96 -7.70 0.70
CA THR A 9 2.72 -8.19 -0.61
C THR A 9 3.53 -7.35 -1.59
N TYR A 10 3.58 -6.04 -1.32
CA TYR A 10 4.38 -5.15 -2.08
C TYR A 10 5.82 -5.40 -1.73
N LYS A 11 6.61 -5.55 -2.73
CA LYS A 11 7.99 -5.92 -2.59
C LYS A 11 8.83 -4.73 -2.21
N GLY A 12 9.21 -4.70 -0.97
CA GLY A 12 10.08 -3.69 -0.45
C GLY A 12 9.32 -2.48 0.07
N PRO A 13 10.04 -1.42 0.42
CA PRO A 13 9.46 -0.18 0.92
C PRO A 13 9.01 0.73 -0.21
N CYS A 14 8.47 1.86 0.14
CA CYS A 14 8.00 2.81 -0.78
C CYS A 14 9.07 3.84 -1.10
N PHE A 15 9.63 3.74 -2.27
CA PHE A 15 10.57 4.73 -2.75
C PHE A 15 9.81 5.71 -3.63
N THR A 16 8.73 5.23 -4.19
CA THR A 16 7.85 6.03 -4.98
C THR A 16 6.41 5.63 -4.67
N THR A 17 5.65 6.59 -4.19
CA THR A 17 4.26 6.40 -3.82
C THR A 17 3.44 5.85 -4.98
N GLY A 18 3.74 6.33 -6.19
CA GLY A 18 3.07 5.87 -7.38
C GLY A 18 3.19 4.36 -7.59
N SER A 19 4.35 3.83 -7.31
CA SER A 19 4.61 2.41 -7.46
C SER A 19 3.87 1.63 -6.37
N CYS A 20 3.89 2.19 -5.18
CA CYS A 20 3.26 1.60 -4.00
C CYS A 20 1.73 1.57 -4.16
N ASP A 21 1.18 2.71 -4.52
CA ASP A 21 -0.24 2.91 -4.63
C ASP A 21 -0.81 2.06 -5.77
N ASP A 22 -0.09 2.01 -6.89
CA ASP A 22 -0.48 1.21 -8.06
C ASP A 22 -0.59 -0.27 -7.70
N HIS A 23 0.36 -0.74 -6.91
CA HIS A 23 0.41 -2.14 -6.51
C HIS A 23 -0.82 -2.51 -5.68
N CYS A 24 -1.03 -1.80 -4.62
CA CYS A 24 -2.12 -2.12 -3.73
C CYS A 24 -3.49 -1.99 -4.41
N LYS A 25 -3.63 -1.07 -5.34
CA LYS A 25 -4.88 -0.91 -6.06
C LYS A 25 -5.03 -1.94 -7.18
N ASN A 26 -4.12 -1.91 -8.10
CA ASN A 26 -4.21 -2.72 -9.33
C ASN A 26 -3.88 -4.18 -9.10
N LYS A 27 -2.89 -4.44 -8.29
CA LYS A 27 -2.47 -5.80 -8.04
C LYS A 27 -3.30 -6.46 -6.95
N GLU A 28 -3.44 -5.80 -5.82
CA GLU A 28 -4.12 -6.41 -4.69
C GLU A 28 -5.59 -6.06 -4.55
N HIS A 29 -6.07 -5.13 -5.37
CA HIS A 29 -7.51 -4.75 -5.39
C HIS A 29 -7.92 -4.08 -4.09
N LEU A 30 -7.01 -3.33 -3.53
CA LEU A 30 -7.25 -2.58 -2.32
C LEU A 30 -7.62 -1.16 -2.72
N ARG A 31 -7.89 -0.30 -1.76
CA ARG A 31 -8.32 1.06 -2.05
C ARG A 31 -7.16 1.89 -2.59
N SER A 32 -6.09 1.95 -1.83
CA SER A 32 -4.94 2.75 -2.19
C SER A 32 -3.73 2.26 -1.40
N GLY A 33 -2.56 2.72 -1.77
CA GLY A 33 -1.36 2.35 -1.09
C GLY A 33 -0.65 3.60 -0.63
N ARG A 34 -0.35 3.69 0.62
CA ARG A 34 0.24 4.90 1.15
C ARG A 34 1.55 4.62 1.81
N CYS A 35 2.47 5.50 1.60
CA CYS A 35 3.78 5.38 2.15
C CYS A 35 3.80 6.14 3.45
N ARG A 36 3.99 5.43 4.52
CA ARG A 36 3.99 6.04 5.83
C ARG A 36 5.41 6.33 6.29
N ASP A 37 5.53 6.88 7.49
CA ASP A 37 6.81 7.32 8.10
C ASP A 37 7.88 6.26 8.05
N ASP A 38 7.48 5.03 8.25
CA ASP A 38 8.39 3.86 8.23
C ASP A 38 8.95 3.57 6.84
N PHE A 39 8.51 4.35 5.85
CA PHE A 39 8.82 4.16 4.41
C PHE A 39 8.07 2.95 3.90
N ARG A 40 7.24 2.40 4.75
CA ARG A 40 6.48 1.23 4.45
C ARG A 40 5.17 1.56 3.85
N CYS A 41 4.73 0.68 3.01
CA CYS A 41 3.47 0.81 2.37
C CYS A 41 2.37 0.31 3.25
N TRP A 42 1.59 1.23 3.71
CA TRP A 42 0.42 0.97 4.44
C TRP A 42 -0.73 1.19 3.50
N CYS A 43 -1.30 0.12 3.07
CA CYS A 43 -2.32 0.16 2.08
C CYS A 43 -3.67 -0.06 2.69
N THR A 44 -4.62 0.69 2.24
CA THR A 44 -5.94 0.62 2.74
C THR A 44 -6.72 -0.45 1.99
N LYS A 45 -7.23 -1.40 2.72
CA LYS A 45 -8.03 -2.44 2.17
C LYS A 45 -9.46 -2.22 2.59
N ASN A 46 -10.37 -2.58 1.74
CA ASN A 46 -11.77 -2.41 2.01
C ASN A 46 -12.26 -3.61 2.80
N CYS A 47 -12.69 -3.33 3.98
CA CYS A 47 -13.19 -4.32 4.90
C CYS A 47 -14.69 -4.15 4.98
N LYS A 1 -15.76 -1.75 6.60
CA LYS A 1 -14.94 -0.62 7.01
C LYS A 1 -13.72 -0.59 6.12
N THR A 2 -13.14 0.56 5.94
CA THR A 2 -11.88 0.64 5.29
C THR A 2 -10.81 0.87 6.33
N CYS A 3 -9.76 0.14 6.24
CA CYS A 3 -8.68 0.23 7.18
C CYS A 3 -7.36 0.12 6.46
N GLU A 4 -6.36 0.76 6.96
CA GLU A 4 -5.08 0.74 6.35
C GLU A 4 -4.22 -0.30 7.03
N ASN A 5 -3.54 -1.10 6.25
CA ASN A 5 -2.69 -2.16 6.77
C ASN A 5 -1.58 -2.46 5.78
N LEU A 6 -0.46 -2.95 6.29
CA LEU A 6 0.72 -3.26 5.50
C LEU A 6 0.50 -4.21 4.35
N ALA A 7 1.20 -3.93 3.29
CA ALA A 7 1.21 -4.76 2.12
C ALA A 7 2.25 -5.83 2.29
N ASP A 8 1.81 -7.05 2.44
CA ASP A 8 2.71 -8.18 2.61
C ASP A 8 3.46 -8.45 1.32
N THR A 9 2.74 -8.34 0.23
CA THR A 9 3.23 -8.62 -1.08
C THR A 9 4.27 -7.57 -1.54
N TYR A 10 4.21 -6.39 -0.96
CA TYR A 10 5.13 -5.33 -1.32
C TYR A 10 6.47 -5.61 -0.68
N LYS A 11 7.41 -5.99 -1.48
CA LYS A 11 8.72 -6.29 -0.99
C LYS A 11 9.65 -5.09 -1.09
N GLY A 12 10.11 -4.65 0.04
CA GLY A 12 11.06 -3.56 0.08
C GLY A 12 10.45 -2.28 0.61
N PRO A 13 11.18 -1.16 0.51
CA PRO A 13 10.71 0.14 0.94
C PRO A 13 10.02 0.89 -0.20
N CYS A 14 9.34 1.93 0.17
CA CYS A 14 8.69 2.78 -0.78
C CYS A 14 9.68 3.80 -1.33
N PHE A 15 9.92 3.73 -2.61
CA PHE A 15 10.78 4.68 -3.28
C PHE A 15 9.92 5.75 -3.93
N THR A 16 8.74 5.34 -4.38
CA THR A 16 7.82 6.21 -5.04
C THR A 16 6.40 5.89 -4.55
N THR A 17 5.72 6.88 -4.01
CA THR A 17 4.38 6.73 -3.45
C THR A 17 3.39 6.19 -4.53
N GLY A 18 3.49 6.72 -5.74
CA GLY A 18 2.64 6.29 -6.84
C GLY A 18 2.85 4.81 -7.21
N SER A 19 4.08 4.34 -7.07
CA SER A 19 4.43 2.96 -7.37
C SER A 19 3.84 2.05 -6.28
N CYS A 20 3.76 2.58 -5.08
CA CYS A 20 3.19 1.88 -3.95
C CYS A 20 1.67 1.83 -4.12
N ASP A 21 1.10 2.97 -4.47
CA ASP A 21 -0.33 3.10 -4.75
C ASP A 21 -0.74 2.11 -5.82
N ASP A 22 0.11 1.99 -6.82
CA ASP A 22 -0.06 1.07 -7.94
C ASP A 22 -0.17 -0.37 -7.45
N HIS A 23 0.74 -0.75 -6.58
CA HIS A 23 0.80 -2.10 -6.05
C HIS A 23 -0.47 -2.44 -5.29
N CYS A 24 -0.85 -1.58 -4.38
CA CYS A 24 -2.01 -1.82 -3.55
C CYS A 24 -3.30 -1.87 -4.38
N LYS A 25 -3.41 -1.04 -5.39
CA LYS A 25 -4.63 -0.98 -6.20
C LYS A 25 -4.72 -2.14 -7.20
N ASN A 26 -3.63 -2.40 -7.89
CA ASN A 26 -3.65 -3.39 -8.95
C ASN A 26 -3.39 -4.77 -8.41
N LYS A 27 -2.24 -4.96 -7.81
CA LYS A 27 -1.81 -6.25 -7.33
C LYS A 27 -2.60 -6.70 -6.10
N GLU A 28 -2.76 -5.82 -5.16
CA GLU A 28 -3.43 -6.18 -3.93
C GLU A 28 -4.93 -5.99 -3.98
N HIS A 29 -5.41 -5.36 -5.06
CA HIS A 29 -6.86 -5.16 -5.29
C HIS A 29 -7.52 -4.33 -4.19
N LEU A 30 -6.74 -3.47 -3.58
CA LEU A 30 -7.21 -2.65 -2.50
C LEU A 30 -7.44 -1.23 -2.99
N ARG A 31 -7.93 -0.36 -2.12
CA ARG A 31 -8.29 0.99 -2.52
C ARG A 31 -7.08 1.82 -2.96
N SER A 32 -6.12 1.98 -2.10
CA SER A 32 -4.96 2.81 -2.39
C SER A 32 -3.77 2.36 -1.59
N GLY A 33 -2.61 2.84 -1.96
CA GLY A 33 -1.41 2.50 -1.25
C GLY A 33 -0.70 3.74 -0.80
N ARG A 34 -0.43 3.82 0.46
CA ARG A 34 0.19 4.99 1.02
C ARG A 34 1.45 4.63 1.76
N CYS A 35 2.51 5.29 1.40
CA CYS A 35 3.78 5.10 2.02
C CYS A 35 3.79 5.91 3.28
N ARG A 36 4.11 5.29 4.36
CA ARG A 36 4.12 5.97 5.61
C ARG A 36 5.53 6.29 6.04
N ASP A 37 5.69 6.94 7.17
CA ASP A 37 6.98 7.46 7.66
C ASP A 37 8.03 6.38 7.88
N ASP A 38 7.56 5.15 8.04
CA ASP A 38 8.45 3.99 8.21
C ASP A 38 8.95 3.48 6.86
N PHE A 39 8.53 4.15 5.81
CA PHE A 39 8.91 3.87 4.40
C PHE A 39 8.34 2.56 3.87
N ARG A 40 7.53 1.90 4.64
CA ARG A 40 6.92 0.68 4.20
C ARG A 40 5.53 1.03 3.63
N CYS A 41 4.96 0.14 2.86
CA CYS A 41 3.67 0.40 2.24
C CYS A 41 2.50 -0.10 3.03
N TRP A 42 1.61 0.83 3.28
CA TRP A 42 0.38 0.59 3.94
C TRP A 42 -0.74 0.76 2.92
N CYS A 43 -1.51 -0.25 2.71
CA CYS A 43 -2.56 -0.21 1.74
C CYS A 43 -3.90 -0.05 2.45
N THR A 44 -4.77 0.73 1.88
CA THR A 44 -6.09 0.91 2.41
C THR A 44 -6.97 -0.24 1.90
N LYS A 45 -7.32 -1.14 2.78
CA LYS A 45 -8.08 -2.32 2.44
C LYS A 45 -9.49 -2.24 3.01
N ASN A 46 -10.31 -3.16 2.60
CA ASN A 46 -11.66 -3.23 3.11
C ASN A 46 -11.71 -4.31 4.15
N CYS A 47 -12.24 -3.98 5.26
CA CYS A 47 -12.41 -4.88 6.35
C CYS A 47 -13.85 -4.84 6.82
N LYS A 1 -15.63 0.60 7.06
CA LYS A 1 -15.35 -0.75 6.51
C LYS A 1 -13.99 -0.83 5.82
N THR A 2 -13.14 0.14 6.04
CA THR A 2 -11.83 0.14 5.44
C THR A 2 -10.76 0.31 6.49
N CYS A 3 -9.81 -0.55 6.45
CA CYS A 3 -8.75 -0.55 7.42
C CYS A 3 -7.42 -0.29 6.77
N GLU A 4 -6.62 0.51 7.42
CA GLU A 4 -5.32 0.83 6.94
C GLU A 4 -4.38 -0.21 7.48
N ASN A 5 -3.70 -0.91 6.63
CA ASN A 5 -2.83 -1.96 7.10
C ASN A 5 -1.69 -2.15 6.13
N LEU A 6 -0.61 -2.71 6.60
CA LEU A 6 0.58 -2.92 5.82
C LEU A 6 0.33 -3.73 4.57
N ALA A 7 0.97 -3.29 3.50
CA ALA A 7 0.93 -3.95 2.22
C ALA A 7 1.47 -5.37 2.37
N ASP A 8 0.78 -6.30 1.77
CA ASP A 8 1.03 -7.71 1.99
C ASP A 8 2.12 -8.25 1.08
N THR A 9 2.01 -8.00 -0.20
CA THR A 9 2.94 -8.49 -1.16
C THR A 9 4.10 -7.47 -1.36
N TYR A 10 3.86 -6.22 -1.01
CA TYR A 10 4.83 -5.16 -1.17
C TYR A 10 5.83 -5.24 -0.03
N LYS A 11 6.92 -5.91 -0.27
CA LYS A 11 7.93 -6.14 0.74
C LYS A 11 9.15 -5.25 0.54
N GLY A 12 8.99 -4.31 -0.34
CA GLY A 12 10.03 -3.37 -0.61
C GLY A 12 9.77 -2.06 0.11
N PRO A 13 10.66 -1.08 -0.03
CA PRO A 13 10.48 0.23 0.55
C PRO A 13 9.86 1.20 -0.46
N CYS A 14 8.97 2.03 0.00
CA CYS A 14 8.36 2.99 -0.87
C CYS A 14 9.19 4.25 -0.94
N PHE A 15 9.62 4.58 -2.13
CA PHE A 15 10.30 5.82 -2.38
C PHE A 15 9.40 6.64 -3.27
N THR A 16 8.98 6.02 -4.33
CA THR A 16 8.04 6.60 -5.22
C THR A 16 6.66 6.12 -4.78
N THR A 17 5.82 7.05 -4.37
CA THR A 17 4.49 6.73 -3.87
C THR A 17 3.65 6.05 -4.97
N GLY A 18 3.89 6.45 -6.21
CA GLY A 18 3.18 5.89 -7.35
C GLY A 18 3.37 4.39 -7.48
N SER A 19 4.55 3.90 -7.14
CA SER A 19 4.86 2.47 -7.20
C SER A 19 4.02 1.70 -6.18
N CYS A 20 3.87 2.30 -5.01
CA CYS A 20 3.10 1.70 -3.93
C CYS A 20 1.63 1.74 -4.27
N ASP A 21 1.22 2.85 -4.87
CA ASP A 21 -0.14 3.06 -5.28
C ASP A 21 -0.49 2.06 -6.34
N ASP A 22 0.41 1.88 -7.29
CA ASP A 22 0.23 0.92 -8.39
C ASP A 22 0.03 -0.47 -7.86
N HIS A 23 0.88 -0.83 -6.94
CA HIS A 23 0.83 -2.13 -6.34
C HIS A 23 -0.48 -2.34 -5.60
N CYS A 24 -0.76 -1.52 -4.61
CA CYS A 24 -1.95 -1.71 -3.83
C CYS A 24 -3.25 -1.47 -4.62
N LYS A 25 -3.22 -0.64 -5.65
CA LYS A 25 -4.40 -0.41 -6.47
C LYS A 25 -4.60 -1.53 -7.49
N ASN A 26 -3.65 -1.72 -8.35
CA ASN A 26 -3.82 -2.64 -9.48
C ASN A 26 -3.40 -4.04 -9.15
N LYS A 27 -2.27 -4.19 -8.50
CA LYS A 27 -1.70 -5.50 -8.26
C LYS A 27 -2.43 -6.23 -7.13
N GLU A 28 -2.76 -5.51 -6.08
CA GLU A 28 -3.43 -6.09 -4.91
C GLU A 28 -4.94 -5.95 -5.00
N HIS A 29 -5.39 -4.89 -5.63
CA HIS A 29 -6.81 -4.53 -5.68
C HIS A 29 -7.32 -4.14 -4.28
N LEU A 30 -6.73 -3.10 -3.77
CA LEU A 30 -7.12 -2.50 -2.53
C LEU A 30 -7.60 -1.11 -2.85
N ARG A 31 -7.99 -0.34 -1.86
CA ARG A 31 -8.52 0.99 -2.10
C ARG A 31 -7.43 1.96 -2.55
N SER A 32 -6.28 1.87 -1.92
CA SER A 32 -5.17 2.76 -2.21
C SER A 32 -3.91 2.25 -1.51
N GLY A 33 -2.75 2.80 -1.84
CA GLY A 33 -1.53 2.44 -1.16
C GLY A 33 -0.81 3.68 -0.72
N ARG A 34 -0.65 3.84 0.57
CA ARG A 34 -0.12 5.06 1.13
C ARG A 34 1.24 4.77 1.77
N CYS A 35 2.24 5.50 1.36
CA CYS A 35 3.57 5.31 1.88
C CYS A 35 3.72 6.08 3.17
N ARG A 36 4.23 5.43 4.17
CA ARG A 36 4.37 6.03 5.48
C ARG A 36 5.82 6.28 5.86
N ASP A 37 6.04 6.88 7.04
CA ASP A 37 7.39 7.29 7.50
C ASP A 37 8.30 6.10 7.78
N ASP A 38 7.74 4.92 7.90
CA ASP A 38 8.55 3.71 8.10
C ASP A 38 9.02 3.14 6.78
N PHE A 39 8.76 3.88 5.68
CA PHE A 39 9.12 3.49 4.30
C PHE A 39 8.28 2.33 3.81
N ARG A 40 7.40 1.85 4.65
CA ARG A 40 6.56 0.75 4.32
C ARG A 40 5.20 1.29 3.91
N CYS A 41 4.47 0.53 3.16
CA CYS A 41 3.18 0.94 2.69
C CYS A 41 2.06 0.50 3.58
N TRP A 42 1.22 1.44 3.89
CA TRP A 42 -0.01 1.19 4.56
C TRP A 42 -1.07 1.39 3.52
N CYS A 43 -1.66 0.32 3.12
CA CYS A 43 -2.62 0.34 2.07
C CYS A 43 -3.99 0.07 2.62
N THR A 44 -4.96 0.82 2.18
CA THR A 44 -6.28 0.70 2.68
C THR A 44 -6.98 -0.50 2.04
N LYS A 45 -7.32 -1.47 2.85
CA LYS A 45 -8.04 -2.63 2.40
C LYS A 45 -9.38 -2.69 3.10
N ASN A 46 -10.27 -3.50 2.61
CA ASN A 46 -11.60 -3.60 3.20
C ASN A 46 -11.56 -4.52 4.39
N CYS A 47 -12.34 -4.21 5.38
CA CYS A 47 -12.42 -4.98 6.57
C CYS A 47 -13.87 -5.07 7.02
N LYS A 1 -15.41 0.01 7.11
CA LYS A 1 -15.35 -0.83 5.91
C LYS A 1 -13.97 -0.83 5.27
N THR A 2 -13.09 -0.11 5.86
CA THR A 2 -11.74 0.00 5.40
C THR A 2 -10.79 0.00 6.56
N CYS A 3 -9.66 -0.57 6.38
CA CYS A 3 -8.65 -0.55 7.38
C CYS A 3 -7.32 -0.38 6.67
N GLU A 4 -6.45 0.40 7.22
CA GLU A 4 -5.18 0.61 6.61
C GLU A 4 -4.17 -0.30 7.25
N ASN A 5 -3.61 -1.17 6.46
CA ASN A 5 -2.72 -2.17 6.96
C ASN A 5 -1.58 -2.33 5.99
N LEU A 6 -0.55 -3.02 6.40
CA LEU A 6 0.61 -3.22 5.60
C LEU A 6 0.32 -4.04 4.37
N ALA A 7 0.92 -3.65 3.29
CA ALA A 7 0.82 -4.33 2.01
C ALA A 7 1.38 -5.74 2.14
N ASP A 8 0.82 -6.67 1.42
CA ASP A 8 1.18 -8.07 1.56
C ASP A 8 2.16 -8.51 0.48
N THR A 9 1.89 -8.14 -0.74
CA THR A 9 2.72 -8.59 -1.82
C THR A 9 3.68 -7.54 -2.32
N TYR A 10 3.46 -6.28 -1.92
CA TYR A 10 4.39 -5.23 -2.28
C TYR A 10 5.72 -5.50 -1.61
N LYS A 11 6.71 -5.77 -2.41
CA LYS A 11 8.00 -6.11 -1.91
C LYS A 11 8.96 -4.96 -2.01
N GLY A 12 9.63 -4.69 -0.92
CA GLY A 12 10.55 -3.60 -0.83
C GLY A 12 9.89 -2.39 -0.19
N PRO A 13 10.64 -1.32 0.08
CA PRO A 13 10.08 -0.11 0.63
C PRO A 13 9.47 0.79 -0.46
N CYS A 14 8.78 1.80 -0.03
CA CYS A 14 8.21 2.75 -0.94
C CYS A 14 9.24 3.77 -1.36
N PHE A 15 9.59 3.75 -2.62
CA PHE A 15 10.50 4.72 -3.16
C PHE A 15 9.70 5.80 -3.83
N THR A 16 8.67 5.39 -4.53
CA THR A 16 7.77 6.29 -5.17
C THR A 16 6.35 5.89 -4.75
N THR A 17 5.63 6.81 -4.16
CA THR A 17 4.30 6.56 -3.63
C THR A 17 3.34 6.05 -4.72
N GLY A 18 3.49 6.55 -5.93
CA GLY A 18 2.66 6.13 -7.04
C GLY A 18 2.79 4.65 -7.33
N SER A 19 4.01 4.11 -7.20
CA SER A 19 4.28 2.71 -7.44
C SER A 19 3.70 1.84 -6.32
N CYS A 20 3.79 2.34 -5.10
CA CYS A 20 3.23 1.66 -3.94
C CYS A 20 1.71 1.60 -4.08
N ASP A 21 1.16 2.76 -4.40
CA ASP A 21 -0.27 2.94 -4.62
C ASP A 21 -0.73 2.06 -5.77
N ASP A 22 0.10 2.00 -6.80
CA ASP A 22 -0.14 1.19 -8.00
C ASP A 22 -0.29 -0.28 -7.64
N HIS A 23 0.71 -0.82 -6.94
CA HIS A 23 0.71 -2.22 -6.56
C HIS A 23 -0.48 -2.57 -5.69
N CYS A 24 -0.71 -1.79 -4.65
CA CYS A 24 -1.80 -2.05 -3.73
C CYS A 24 -3.17 -2.02 -4.41
N LYS A 25 -3.36 -1.15 -5.38
CA LYS A 25 -4.65 -1.08 -6.09
C LYS A 25 -4.75 -2.18 -7.16
N ASN A 26 -3.70 -2.34 -7.93
CA ASN A 26 -3.70 -3.27 -9.07
C ASN A 26 -3.55 -4.71 -8.65
N LYS A 27 -2.49 -4.99 -7.94
CA LYS A 27 -2.15 -6.35 -7.57
C LYS A 27 -2.90 -6.79 -6.33
N GLU A 28 -2.92 -5.96 -5.32
CA GLU A 28 -3.56 -6.35 -4.07
C GLU A 28 -5.04 -6.05 -4.03
N HIS A 29 -5.53 -5.29 -4.99
CA HIS A 29 -6.97 -4.94 -5.10
C HIS A 29 -7.46 -4.19 -3.87
N LEU A 30 -6.62 -3.32 -3.36
CA LEU A 30 -6.95 -2.53 -2.21
C LEU A 30 -7.47 -1.18 -2.69
N ARG A 31 -7.80 -0.28 -1.79
CA ARG A 31 -8.34 1.02 -2.18
C ARG A 31 -7.23 1.89 -2.77
N SER A 32 -6.18 2.07 -2.00
CA SER A 32 -5.08 2.89 -2.37
C SER A 32 -3.85 2.48 -1.57
N GLY A 33 -2.69 2.96 -1.93
CA GLY A 33 -1.48 2.63 -1.21
C GLY A 33 -0.81 3.88 -0.72
N ARG A 34 -0.38 3.87 0.51
CA ARG A 34 0.20 5.05 1.10
C ARG A 34 1.55 4.73 1.70
N CYS A 35 2.45 5.66 1.60
CA CYS A 35 3.78 5.49 2.10
C CYS A 35 3.93 6.28 3.37
N ARG A 36 3.96 5.58 4.46
CA ARG A 36 4.08 6.20 5.75
C ARG A 36 5.55 6.43 6.07
N ASP A 37 5.81 6.99 7.25
CA ASP A 37 7.18 7.39 7.66
C ASP A 37 8.20 6.24 7.66
N ASP A 38 7.73 5.03 7.93
CA ASP A 38 8.63 3.86 7.95
C ASP A 38 8.95 3.37 6.55
N PHE A 39 8.32 4.00 5.56
CA PHE A 39 8.47 3.69 4.13
C PHE A 39 7.89 2.36 3.73
N ARG A 40 7.32 1.66 4.67
CA ARG A 40 6.62 0.46 4.36
C ARG A 40 5.22 0.87 3.92
N CYS A 41 4.67 0.17 2.99
CA CYS A 41 3.39 0.51 2.46
C CYS A 41 2.25 0.12 3.35
N TRP A 42 1.57 1.13 3.83
CA TRP A 42 0.35 0.97 4.55
C TRP A 42 -0.72 1.32 3.56
N CYS A 43 -1.34 0.33 3.05
CA CYS A 43 -2.32 0.53 2.05
C CYS A 43 -3.70 0.41 2.64
N THR A 44 -4.58 1.28 2.22
CA THR A 44 -5.92 1.30 2.71
C THR A 44 -6.67 0.18 2.00
N LYS A 45 -7.06 -0.81 2.73
CA LYS A 45 -7.72 -1.94 2.16
C LYS A 45 -9.15 -2.01 2.63
N ASN A 46 -9.97 -2.70 1.88
CA ASN A 46 -11.35 -2.85 2.24
C ASN A 46 -11.48 -3.97 3.22
N CYS A 47 -12.01 -3.66 4.35
CA CYS A 47 -12.09 -4.57 5.43
C CYS A 47 -13.53 -4.62 5.89
N LYS A 1 -15.41 0.61 7.48
CA LYS A 1 -14.51 1.67 7.04
C LYS A 1 -13.35 1.07 6.29
N THR A 2 -12.35 1.87 6.08
CA THR A 2 -11.16 1.44 5.42
C THR A 2 -10.14 0.94 6.42
N CYS A 3 -9.39 -0.04 6.04
CA CYS A 3 -8.35 -0.60 6.85
C CYS A 3 -7.03 -0.38 6.16
N GLU A 4 -6.14 0.34 6.80
CA GLU A 4 -4.84 0.61 6.25
C GLU A 4 -3.83 -0.30 6.95
N ASN A 5 -3.32 -1.25 6.22
CA ASN A 5 -2.42 -2.25 6.76
C ASN A 5 -1.29 -2.49 5.80
N LEU A 6 -0.30 -3.21 6.22
CA LEU A 6 0.89 -3.41 5.42
C LEU A 6 0.68 -4.24 4.16
N ALA A 7 1.44 -3.90 3.16
CA ALA A 7 1.47 -4.62 1.91
C ALA A 7 2.26 -5.90 2.09
N ASP A 8 1.77 -6.97 1.53
CA ASP A 8 2.39 -8.28 1.68
C ASP A 8 3.40 -8.57 0.57
N THR A 9 2.99 -8.40 -0.67
CA THR A 9 3.86 -8.79 -1.77
C THR A 9 4.77 -7.64 -2.22
N TYR A 10 4.60 -6.48 -1.62
CA TYR A 10 5.43 -5.33 -1.95
C TYR A 10 6.83 -5.53 -1.40
N LYS A 11 7.78 -5.70 -2.27
CA LYS A 11 9.13 -5.91 -1.86
C LYS A 11 9.91 -4.63 -1.96
N GLY A 12 10.54 -4.27 -0.87
CA GLY A 12 11.35 -3.11 -0.82
C GLY A 12 10.63 -1.99 -0.12
N PRO A 13 11.26 -0.83 0.02
CA PRO A 13 10.63 0.33 0.60
C PRO A 13 9.94 1.18 -0.46
N CYS A 14 9.20 2.16 -0.01
CA CYS A 14 8.51 3.07 -0.86
C CYS A 14 9.40 4.23 -1.23
N PHE A 15 9.62 4.38 -2.51
CA PHE A 15 10.33 5.51 -3.03
C PHE A 15 9.35 6.42 -3.75
N THR A 16 8.48 5.82 -4.52
CA THR A 16 7.47 6.54 -5.23
C THR A 16 6.11 6.13 -4.66
N THR A 17 5.46 7.05 -3.97
CA THR A 17 4.19 6.77 -3.31
C THR A 17 3.10 6.29 -4.30
N GLY A 18 3.11 6.85 -5.50
CA GLY A 18 2.15 6.49 -6.51
C GLY A 18 2.36 5.09 -7.01
N SER A 19 3.60 4.63 -6.96
CA SER A 19 3.93 3.29 -7.39
C SER A 19 3.44 2.32 -6.32
N CYS A 20 3.55 2.74 -5.08
CA CYS A 20 3.08 1.98 -3.94
C CYS A 20 1.55 1.85 -3.99
N ASP A 21 0.88 2.97 -4.24
CA ASP A 21 -0.59 3.00 -4.34
C ASP A 21 -1.05 2.09 -5.49
N ASP A 22 -0.32 2.17 -6.60
CA ASP A 22 -0.57 1.32 -7.78
C ASP A 22 -0.40 -0.15 -7.42
N HIS A 23 0.65 -0.44 -6.68
CA HIS A 23 0.96 -1.79 -6.26
C HIS A 23 -0.14 -2.33 -5.37
N CYS A 24 -0.59 -1.53 -4.44
CA CYS A 24 -1.65 -1.91 -3.53
C CYS A 24 -2.95 -2.27 -4.29
N LYS A 25 -3.22 -1.60 -5.39
CA LYS A 25 -4.43 -1.88 -6.15
C LYS A 25 -4.29 -3.11 -7.04
N ASN A 26 -3.14 -3.27 -7.64
CA ASN A 26 -2.95 -4.36 -8.59
C ASN A 26 -2.43 -5.62 -7.94
N LYS A 27 -1.37 -5.50 -7.18
CA LYS A 27 -0.70 -6.65 -6.61
C LYS A 27 -1.36 -7.09 -5.31
N GLU A 28 -1.65 -6.14 -4.45
CA GLU A 28 -2.33 -6.43 -3.19
C GLU A 28 -3.82 -6.60 -3.43
N HIS A 29 -4.31 -6.05 -4.55
CA HIS A 29 -5.73 -6.11 -4.97
C HIS A 29 -6.64 -5.33 -4.03
N LEU A 30 -6.12 -4.29 -3.44
CA LEU A 30 -6.89 -3.52 -2.49
C LEU A 30 -7.34 -2.19 -3.09
N ARG A 31 -8.07 -1.43 -2.29
CA ARG A 31 -8.60 -0.11 -2.66
C ARG A 31 -7.50 0.88 -3.07
N SER A 32 -6.56 1.12 -2.18
CA SER A 32 -5.48 2.08 -2.42
C SER A 32 -4.31 1.76 -1.50
N GLY A 33 -3.33 2.64 -1.42
CA GLY A 33 -2.23 2.42 -0.54
C GLY A 33 -1.40 3.65 -0.43
N ARG A 34 -0.55 3.71 0.55
CA ARG A 34 0.28 4.86 0.74
C ARG A 34 1.54 4.47 1.48
N CYS A 35 2.41 5.42 1.66
CA CYS A 35 3.67 5.18 2.30
C CYS A 35 3.69 5.92 3.61
N ARG A 36 4.21 5.30 4.62
CA ARG A 36 4.29 5.92 5.92
C ARG A 36 5.72 6.25 6.30
N ASP A 37 5.89 6.81 7.49
CA ASP A 37 7.18 7.31 8.05
C ASP A 37 8.30 6.25 7.98
N ASP A 38 7.93 4.97 8.07
CA ASP A 38 8.92 3.86 8.00
C ASP A 38 9.35 3.58 6.59
N PHE A 39 8.72 4.26 5.63
CA PHE A 39 8.92 4.05 4.18
C PHE A 39 8.31 2.73 3.72
N ARG A 40 7.54 2.11 4.58
CA ARG A 40 6.90 0.87 4.25
C ARG A 40 5.50 1.17 3.70
N CYS A 41 5.01 0.31 2.85
CA CYS A 41 3.71 0.49 2.23
C CYS A 41 2.58 0.00 3.09
N TRP A 42 1.66 0.90 3.29
CA TRP A 42 0.45 0.65 4.01
C TRP A 42 -0.70 0.76 3.02
N CYS A 43 -1.23 -0.35 2.65
CA CYS A 43 -2.29 -0.40 1.69
C CYS A 43 -3.63 -0.27 2.39
N THR A 44 -4.56 0.34 1.75
CA THR A 44 -5.84 0.58 2.30
C THR A 44 -6.89 -0.23 1.56
N LYS A 45 -7.63 -1.02 2.29
CA LYS A 45 -8.69 -1.80 1.70
C LYS A 45 -9.99 -1.46 2.37
N ASN A 46 -11.08 -1.77 1.70
CA ASN A 46 -12.40 -1.59 2.26
C ASN A 46 -12.74 -2.77 3.11
N CYS A 47 -13.19 -2.52 4.28
CA CYS A 47 -13.58 -3.56 5.18
C CYS A 47 -15.07 -3.45 5.39
#